data_5VGJ
#
_entry.id   5VGJ
#
_cell.length_a   106.572
_cell.length_b   106.572
_cell.length_c   129.857
_cell.angle_alpha   90.00
_cell.angle_beta   90.00
_cell.angle_gamma   120.00
#
_symmetry.space_group_name_H-M   'P 32 2 1'
#
loop_
_entity.id
_entity.type
_entity.pdbx_description
1 polymer 1FD6-V1V2-WITO
2 polymer 'VRC38.01 Fab Heavy Chain'
3 polymer 'VRC38.01 Fab Light Chain'
4 branched alpha-D-mannopyranose-(1-3)-[alpha-D-mannopyranose-(1-6)]alpha-D-mannopyranose-(1-6)-[alpha-D-mannopyranose-(1-3)]beta-D-mannopyranose-(1-4)-2-acetamido-2-deoxy-beta-D-glucopyranose-(1-4)-2-acetamido-2-deoxy-beta-D-glucopyranose
5 branched alpha-D-mannopyranose-(1-3)-[alpha-D-mannopyranose-(1-6)]beta-D-mannopyranose-(1-4)-2-acetamido-2-deoxy-beta-D-glucopyranose-(1-4)-2-acetamido-2-deoxy-beta-D-glucopyranose
6 non-polymer 2-acetamido-2-deoxy-beta-D-glucopyranose
#
loop_
_entity_poly.entity_id
_entity_poly.type
_entity_poly.pdbx_seq_one_letter_code
_entity_poly.pdbx_strand_id
1 'polypeptide(L)'
;MTTFKLAACVTLHCTNVTISSTNGSTANVTMREEMKNCSFNTTTVIGNSTGRDKIQKEYALFYKLDIVPIEGKNTNTGYR
LINCQTTTTEAVDAATAAKVFKQYANDNGIDGEWTYDDATKTFTVTEGLEVLFQ
;
G
2 'polypeptide(L)'
;EVQLVESGGKLVQPGGSLRLSCEASGESVGDNDMHWVRQVAGKGLEWVSSIGSSGDTYYIDAVKGRFTVSRDKGRNSVYL
QMKTLTVGDTGVYFCVRGPESGWFYHYYWGLGVWGRGTTVTVSSASTKGPSVFPLAPSSKSTSGGTAALGCLVKDYFPEP
VTVSWNSGALTSGVHTFPAVLQSSGLYSLSSVVTVPSSSLGTQTYICNVNHKPSNTKVDKRVEPKSCDKGLEVLFQ
;
H
3 'polypeptide(L)'
;DLLMTQSPHSLAVTPGEPASISCRSSQSLLLGNGRNYLDWYVQKPGQSPQLLIYLGSNRASGVPDRFSGSGSGTYFTLKI
SRVEAEDVGFYYCMEARQTPRLTFGGGTKLEIRRTVAAPSVFIFPPSDEQLKSGTASVVCLLNNFYPREAKVQWKVDNAL
QSGNSQESVTEQDSKDSTYSLSSTLTLSKADYEKHKVYACEVTHQGLSSPVTKSFNRGEC
;
L
#
loop_
_chem_comp.id
_chem_comp.type
_chem_comp.name
_chem_comp.formula
BMA D-saccharide, beta linking beta-D-mannopyranose 'C6 H12 O6'
MAN D-saccharide, alpha linking alpha-D-mannopyranose 'C6 H12 O6'
NAG D-saccharide, beta linking 2-acetamido-2-deoxy-beta-D-glucopyranose 'C8 H15 N O6'
#
# COMPACT_ATOMS: atom_id res chain seq x y z
N MET A 1 20.67 -33.33 -51.49
CA MET A 1 20.13 -32.34 -50.57
C MET A 1 21.20 -31.84 -49.60
N THR A 2 21.03 -30.61 -49.14
CA THR A 2 21.94 -30.04 -48.15
C THR A 2 21.63 -30.60 -46.77
N THR A 3 22.59 -30.48 -45.87
CA THR A 3 22.47 -30.98 -44.50
C THR A 3 22.40 -29.79 -43.55
N PHE A 4 21.33 -29.72 -42.77
CA PHE A 4 21.08 -28.59 -41.88
C PHE A 4 21.20 -29.02 -40.42
N LYS A 5 21.60 -28.07 -39.59
CA LYS A 5 21.83 -28.28 -38.17
C LYS A 5 20.80 -27.54 -37.34
N LEU A 6 20.62 -28.01 -36.10
CA LEU A 6 19.68 -27.40 -35.16
C LEU A 6 20.34 -27.41 -33.78
N ALA A 7 20.93 -26.28 -33.40
CA ALA A 7 21.55 -26.13 -32.09
C ALA A 7 20.49 -25.67 -31.09
N ALA A 8 20.31 -26.45 -30.03
CA ALA A 8 19.33 -26.17 -28.99
C ALA A 8 20.07 -25.72 -27.74
N CYS A 9 20.17 -24.41 -27.55
CA CYS A 9 20.86 -23.82 -26.41
C CYS A 9 19.86 -23.44 -25.33
N VAL A 10 20.37 -23.38 -24.09
CA VAL A 10 19.58 -22.98 -22.93
C VAL A 10 19.97 -21.57 -22.54
N THR A 11 18.97 -20.75 -22.23
CA THR A 11 19.21 -19.36 -21.85
C THR A 11 19.80 -19.31 -20.44
N LEU A 12 20.99 -18.74 -20.32
CA LEU A 12 21.66 -18.59 -19.03
C LEU A 12 21.63 -17.13 -18.61
N HIS A 13 21.31 -16.89 -17.33
CA HIS A 13 21.35 -15.54 -16.76
C HIS A 13 22.58 -15.46 -15.88
N CYS A 14 23.64 -14.89 -16.43
CA CYS A 14 24.93 -14.80 -15.76
C CYS A 14 25.10 -13.47 -15.07
N THR A 15 25.84 -13.52 -13.97
CA THR A 15 26.26 -12.36 -13.21
C THR A 15 27.66 -12.61 -12.66
N ASN A 16 28.32 -11.49 -12.39
CA ASN A 16 29.59 -11.44 -11.68
C ASN A 16 29.49 -12.27 -10.40
N VAL A 17 30.61 -12.91 -10.07
CA VAL A 17 30.67 -13.63 -8.82
C VAL A 17 30.68 -12.64 -7.66
N THR A 18 30.18 -13.08 -6.52
CA THR A 18 30.08 -12.22 -5.34
C THR A 18 31.47 -12.05 -4.72
N ILE A 19 31.49 -11.55 -3.49
CA ILE A 19 32.76 -11.35 -2.79
C ILE A 19 33.35 -12.70 -2.43
N SER A 20 34.63 -12.90 -2.78
CA SER A 20 35.33 -14.13 -2.46
C SER A 20 36.83 -13.92 -2.45
N MET A 31 42.25 -14.15 -5.88
CA MET A 31 40.99 -13.95 -6.60
C MET A 31 41.11 -14.35 -8.06
N ARG A 32 40.06 -14.98 -8.58
CA ARG A 32 39.92 -15.28 -10.00
C ARG A 32 38.66 -14.59 -10.47
N GLU A 33 38.81 -13.46 -11.17
CA GLU A 33 37.66 -12.71 -11.63
C GLU A 33 37.50 -12.82 -13.14
N GLU A 34 37.32 -14.05 -13.63
CA GLU A 34 36.82 -14.26 -14.98
C GLU A 34 35.90 -15.47 -15.03
N MET A 35 35.40 -15.95 -13.89
CA MET A 35 34.38 -16.99 -13.84
C MET A 35 33.01 -16.33 -13.67
N LYS A 36 31.96 -17.13 -13.68
CA LYS A 36 30.65 -16.54 -13.63
C LYS A 36 29.68 -17.39 -12.85
N ASN A 37 28.65 -16.67 -12.41
CA ASN A 37 27.57 -17.20 -11.61
C ASN A 37 26.32 -17.12 -12.45
N CYS A 38 25.66 -18.25 -12.72
CA CYS A 38 24.68 -18.23 -13.80
C CYS A 38 23.50 -19.15 -13.50
N SER A 39 22.29 -18.61 -13.60
CA SER A 39 21.08 -19.37 -13.33
C SER A 39 20.40 -19.77 -14.63
N PHE A 40 19.54 -20.77 -14.51
CA PHE A 40 18.78 -21.34 -15.62
C PHE A 40 17.68 -22.19 -15.03
N ASN A 41 16.77 -22.62 -15.90
CA ASN A 41 15.60 -23.38 -15.50
C ASN A 41 15.68 -24.81 -16.04
N THR A 42 15.07 -25.73 -15.31
CA THR A 42 15.13 -27.14 -15.63
C THR A 42 13.87 -27.83 -15.13
N THR A 43 13.45 -28.86 -15.85
CA THR A 43 12.35 -29.72 -15.45
C THR A 43 12.65 -31.14 -15.90
N THR A 44 11.74 -32.05 -15.59
CA THR A 44 11.89 -33.45 -15.96
C THR A 44 10.50 -34.06 -16.10
N VAL A 45 10.24 -34.70 -17.24
CA VAL A 45 8.92 -35.23 -17.57
C VAL A 45 9.07 -36.66 -18.07
N ILE A 46 7.93 -37.30 -18.35
CA ILE A 46 7.86 -38.67 -18.84
C ILE A 46 7.19 -38.63 -20.21
N GLY A 47 7.78 -39.34 -21.18
CA GLY A 47 7.53 -39.00 -22.56
C GLY A 47 6.17 -39.44 -23.06
N ASN A 48 5.69 -40.57 -22.58
CA ASN A 48 4.45 -41.11 -23.11
C ASN A 48 3.23 -40.74 -22.28
N SER A 49 3.40 -40.57 -20.97
CA SER A 49 2.29 -40.07 -20.16
C SER A 49 2.08 -38.59 -20.42
N THR A 50 3.17 -37.82 -20.50
CA THR A 50 3.10 -36.37 -20.67
C THR A 50 2.45 -35.69 -19.48
N GLY A 51 1.78 -34.56 -19.72
CA GLY A 51 1.08 -33.81 -18.71
C GLY A 51 1.82 -32.58 -18.20
N ARG A 52 3.16 -32.61 -18.24
CA ARG A 52 3.98 -31.47 -17.80
C ARG A 52 4.11 -31.42 -16.29
N ASP A 53 5.17 -30.79 -15.79
CA ASP A 53 5.52 -30.85 -14.39
C ASP A 53 6.11 -29.53 -13.94
N LYS A 54 6.25 -29.37 -12.63
CA LYS A 54 6.76 -28.13 -12.05
C LYS A 54 8.21 -27.89 -12.42
N ILE A 55 8.56 -26.62 -12.60
CA ILE A 55 9.87 -26.21 -13.09
C ILE A 55 10.75 -25.81 -11.91
N GLN A 56 11.88 -26.47 -11.77
CA GLN A 56 12.88 -26.12 -10.78
C GLN A 56 13.93 -25.20 -11.40
N LYS A 57 14.52 -24.35 -10.56
CA LYS A 57 15.58 -23.45 -10.98
C LYS A 57 16.93 -23.95 -10.45
N GLU A 58 18.00 -23.52 -11.09
CA GLU A 58 19.32 -23.99 -10.70
C GLU A 58 20.37 -23.00 -11.16
N TYR A 59 21.52 -23.01 -10.48
CA TYR A 59 22.63 -22.12 -10.80
C TYR A 59 23.92 -22.91 -10.83
N ALA A 60 24.91 -22.37 -11.54
CA ALA A 60 26.22 -23.02 -11.66
C ALA A 60 27.24 -21.97 -12.04
N LEU A 61 28.51 -22.37 -12.04
CA LEU A 61 29.60 -21.47 -12.36
C LEU A 61 30.33 -21.95 -13.61
N PHE A 62 30.72 -21.00 -14.45
CA PHE A 62 31.47 -21.33 -15.66
C PHE A 62 32.57 -20.29 -15.87
N TYR A 63 33.18 -20.30 -17.05
CA TYR A 63 34.18 -19.32 -17.43
C TYR A 63 33.68 -18.50 -18.61
N LYS A 64 34.27 -17.32 -18.79
CA LYS A 64 33.89 -16.45 -19.91
C LYS A 64 34.11 -17.12 -21.25
N LEU A 65 34.90 -18.20 -21.30
CA LEU A 65 35.20 -18.86 -22.57
C LEU A 65 34.04 -19.71 -23.05
N ASP A 66 33.54 -20.59 -22.18
CA ASP A 66 32.42 -21.46 -22.55
C ASP A 66 31.12 -20.72 -22.79
N ILE A 67 31.06 -19.43 -22.47
CA ILE A 67 29.82 -18.66 -22.51
C ILE A 67 29.90 -17.64 -23.64
N VAL A 68 28.84 -17.59 -24.46
CA VAL A 68 28.72 -16.60 -25.52
C VAL A 68 27.36 -15.94 -25.36
N PRO A 69 27.29 -14.62 -25.23
CA PRO A 69 26.00 -13.94 -25.17
C PRO A 69 25.45 -13.68 -26.56
N ILE A 70 24.14 -13.48 -26.63
CA ILE A 70 23.47 -13.02 -27.84
C ILE A 70 23.25 -11.52 -27.69
N GLU A 71 23.91 -10.74 -28.55
CA GLU A 71 23.84 -9.29 -28.46
C GLU A 71 22.48 -8.76 -28.88
N ASN A 76 19.82 -6.46 -25.01
CA ASN A 76 19.77 -7.92 -24.90
C ASN A 76 21.06 -8.45 -24.31
N THR A 77 20.94 -9.29 -23.26
CA THR A 77 22.10 -9.83 -22.57
C THR A 77 21.91 -11.29 -22.20
N GLY A 78 21.17 -12.04 -23.00
CA GLY A 78 20.98 -13.45 -22.75
C GLY A 78 22.16 -14.28 -23.20
N TYR A 79 22.81 -14.95 -22.26
CA TYR A 79 23.99 -15.75 -22.57
C TYR A 79 23.60 -17.17 -22.95
N ARG A 80 24.60 -17.93 -23.41
CA ARG A 80 24.38 -19.31 -23.82
C ARG A 80 25.72 -20.03 -23.80
N LEU A 81 25.66 -21.34 -24.00
CA LEU A 81 26.89 -22.12 -24.12
C LEU A 81 27.52 -21.91 -25.49
N ILE A 82 28.79 -22.27 -25.60
CA ILE A 82 29.49 -22.12 -26.88
C ILE A 82 29.18 -23.28 -27.81
N ASN A 83 28.88 -24.45 -27.25
CA ASN A 83 28.50 -25.61 -28.05
C ASN A 83 27.29 -26.27 -27.40
N CYS A 84 26.18 -26.32 -28.12
CA CYS A 84 24.91 -26.80 -27.59
C CYS A 84 24.56 -28.16 -28.22
N GLN A 85 23.34 -28.63 -27.93
CA GLN A 85 22.88 -29.92 -28.40
C GLN A 85 22.42 -29.80 -29.85
N THR A 86 23.29 -30.22 -30.77
CA THR A 86 23.02 -30.12 -32.20
C THR A 86 22.24 -31.34 -32.67
N THR A 87 21.60 -31.19 -33.83
CA THR A 87 20.83 -32.27 -34.44
C THR A 87 20.56 -31.85 -35.88
N THR A 88 20.86 -32.74 -36.81
CA THR A 88 20.91 -32.42 -38.23
C THR A 88 19.91 -33.24 -39.03
N THR A 89 19.70 -32.80 -40.27
CA THR A 89 18.83 -33.48 -41.23
C THR A 89 19.30 -33.11 -42.63
N GLU A 90 18.53 -33.54 -43.64
CA GLU A 90 18.87 -33.32 -45.04
C GLU A 90 17.62 -32.84 -45.78
N ALA A 91 17.69 -31.63 -46.32
CA ALA A 91 16.56 -31.02 -46.99
C ALA A 91 17.04 -30.28 -48.24
N VAL A 92 16.08 -29.76 -49.00
CA VAL A 92 16.40 -29.07 -50.24
C VAL A 92 16.85 -27.64 -49.96
N ASP A 93 15.97 -26.84 -49.37
CA ASP A 93 16.25 -25.45 -49.07
C ASP A 93 16.02 -25.19 -47.58
N ALA A 94 16.13 -23.92 -47.19
CA ALA A 94 15.91 -23.55 -45.80
C ALA A 94 14.43 -23.59 -45.42
N ALA A 95 13.54 -23.29 -46.37
CA ALA A 95 12.11 -23.22 -46.05
C ALA A 95 11.57 -24.56 -45.58
N THR A 96 12.10 -25.67 -46.11
CA THR A 96 11.61 -27.00 -45.72
C THR A 96 12.19 -27.42 -44.38
N ALA A 97 13.51 -27.29 -44.22
CA ALA A 97 14.14 -27.57 -42.93
C ALA A 97 13.55 -26.71 -41.81
N ALA A 98 12.99 -25.55 -42.16
CA ALA A 98 12.29 -24.74 -41.16
C ALA A 98 11.08 -25.50 -40.62
N LYS A 99 10.17 -25.90 -41.52
CA LYS A 99 9.00 -26.66 -41.09
C LYS A 99 9.41 -27.92 -40.34
N VAL A 100 10.34 -28.69 -40.89
CA VAL A 100 10.76 -29.93 -40.27
C VAL A 100 11.26 -29.67 -38.85
N PHE A 101 12.21 -28.73 -38.71
CA PHE A 101 12.84 -28.52 -37.42
C PHE A 101 11.86 -27.93 -36.41
N LYS A 102 10.96 -27.04 -36.85
CA LYS A 102 9.98 -26.48 -35.94
C LYS A 102 9.04 -27.56 -35.44
N GLN A 103 8.56 -28.42 -36.34
CA GLN A 103 7.75 -29.55 -35.92
C GLN A 103 8.50 -30.41 -34.91
N TYR A 104 9.77 -30.72 -35.21
CA TYR A 104 10.59 -31.50 -34.29
C TYR A 104 10.65 -30.86 -32.90
N ALA A 105 10.84 -29.53 -32.86
CA ALA A 105 10.94 -28.83 -31.59
C ALA A 105 9.60 -28.81 -30.86
N ASN A 106 8.49 -28.78 -31.59
CA ASN A 106 7.18 -28.83 -30.94
C ASN A 106 6.88 -30.23 -30.41
N ASP A 107 7.43 -31.27 -31.04
CA ASP A 107 7.23 -32.63 -30.54
C ASP A 107 8.07 -32.92 -29.31
N ASN A 108 9.30 -32.40 -29.26
CA ASN A 108 10.23 -32.69 -28.19
C ASN A 108 10.31 -31.56 -27.16
N GLY A 109 9.34 -30.66 -27.17
CA GLY A 109 9.20 -29.65 -26.13
C GLY A 109 10.27 -28.57 -26.11
N ILE A 110 10.56 -27.97 -27.26
CA ILE A 110 11.52 -26.88 -27.37
C ILE A 110 10.83 -25.69 -28.02
N ASP A 111 10.78 -24.57 -27.32
CA ASP A 111 10.33 -23.30 -27.86
C ASP A 111 11.24 -22.21 -27.34
N GLY A 112 11.56 -21.24 -28.19
CA GLY A 112 12.40 -20.15 -27.72
C GLY A 112 12.93 -19.30 -28.85
N GLU A 113 14.13 -18.79 -28.65
CA GLU A 113 14.76 -17.85 -29.58
C GLU A 113 15.19 -18.58 -30.84
N TRP A 114 14.39 -18.45 -31.89
CA TRP A 114 14.69 -19.03 -33.20
C TRP A 114 15.53 -18.06 -34.01
N THR A 115 16.65 -18.55 -34.53
CA THR A 115 17.51 -17.75 -35.39
C THR A 115 18.20 -18.70 -36.36
N TYR A 116 18.36 -18.24 -37.61
CA TYR A 116 18.90 -19.07 -38.68
C TYR A 116 20.17 -18.42 -39.22
N ASP A 117 21.31 -19.07 -38.97
CA ASP A 117 22.57 -18.70 -39.59
C ASP A 117 22.72 -19.46 -40.89
N ASP A 118 22.60 -18.75 -42.01
CA ASP A 118 22.74 -19.37 -43.32
C ASP A 118 24.18 -19.69 -43.67
N ALA A 119 25.13 -18.89 -43.18
CA ALA A 119 26.54 -19.13 -43.47
C ALA A 119 27.02 -20.47 -42.93
N THR A 120 26.27 -21.08 -42.02
CA THR A 120 26.61 -22.39 -41.49
C THR A 120 25.44 -23.37 -41.53
N LYS A 121 24.30 -22.97 -42.09
CA LYS A 121 23.13 -23.84 -42.18
C LYS A 121 22.70 -24.33 -40.80
N THR A 122 22.69 -23.42 -39.83
CA THR A 122 22.39 -23.77 -38.45
C THR A 122 21.15 -23.02 -37.97
N PHE A 123 20.31 -23.72 -37.22
CA PHE A 123 19.14 -23.13 -36.57
C PHE A 123 19.40 -23.12 -35.07
N THR A 124 19.83 -21.97 -34.56
CA THR A 124 20.07 -21.79 -33.13
C THR A 124 18.75 -21.39 -32.46
N VAL A 125 18.29 -22.21 -31.54
CA VAL A 125 17.08 -21.92 -30.75
C VAL A 125 17.48 -21.95 -29.28
N THR A 126 17.30 -20.81 -28.60
CA THR A 126 17.62 -20.71 -27.19
C THR A 126 16.37 -21.02 -26.37
N GLU A 127 16.50 -21.91 -25.40
CA GLU A 127 15.35 -22.47 -24.73
C GLU A 127 14.90 -21.67 -23.51
N GLY A 128 15.83 -21.29 -22.64
CA GLY A 128 15.44 -20.76 -21.35
C GLY A 128 14.83 -21.79 -20.45
N LEU A 129 15.05 -23.07 -20.74
CA LEU A 129 14.48 -24.19 -20.01
C LEU A 129 15.25 -25.44 -20.43
N GLU A 130 15.18 -26.47 -19.60
CA GLU A 130 15.86 -27.74 -19.90
C GLU A 130 14.94 -28.89 -19.49
N VAL A 131 14.19 -29.41 -20.46
CA VAL A 131 13.36 -30.59 -20.23
C VAL A 131 14.24 -31.83 -20.25
N LEU A 132 13.79 -32.87 -19.54
CA LEU A 132 14.50 -34.14 -19.49
C LEU A 132 13.48 -35.27 -19.44
N PHE A 133 13.93 -36.47 -19.78
CA PHE A 133 13.05 -37.62 -19.86
C PHE A 133 13.56 -38.78 -19.01
N GLU B 1 -2.96 -14.72 -11.01
CA GLU B 1 -3.08 -13.51 -10.23
C GLU B 1 -3.24 -13.84 -8.74
N VAL B 2 -2.25 -13.46 -7.94
CA VAL B 2 -2.30 -13.74 -6.51
C VAL B 2 -3.12 -12.68 -5.80
N GLN B 3 -3.82 -13.09 -4.75
CA GLN B 3 -4.53 -12.20 -3.84
C GLN B 3 -4.21 -12.62 -2.42
N LEU B 4 -3.87 -11.67 -1.58
CA LEU B 4 -3.55 -11.93 -0.18
C LEU B 4 -4.67 -11.39 0.69
N VAL B 5 -5.14 -12.19 1.64
CA VAL B 5 -6.15 -11.76 2.59
C VAL B 5 -5.65 -12.08 3.98
N GLU B 6 -5.35 -11.05 4.76
CA GLU B 6 -4.99 -11.23 6.17
C GLU B 6 -6.26 -11.25 7.02
N SER B 7 -6.19 -11.95 8.15
CA SER B 7 -7.31 -12.03 9.06
C SER B 7 -6.81 -12.36 10.45
N GLY B 8 -7.70 -12.26 11.43
CA GLY B 8 -7.38 -12.58 12.81
C GLY B 8 -7.15 -11.38 13.70
N GLY B 9 -6.91 -10.21 13.13
CA GLY B 9 -6.71 -9.01 13.93
C GLY B 9 -7.93 -8.63 14.74
N LYS B 10 -7.73 -8.34 16.02
CA LYS B 10 -8.83 -7.99 16.91
C LYS B 10 -8.26 -7.30 18.14
N LEU B 11 -9.15 -6.88 19.03
CA LEU B 11 -8.75 -6.28 20.30
C LEU B 11 -8.33 -7.38 21.27
N VAL B 12 -7.20 -7.19 21.93
CA VAL B 12 -6.65 -8.18 22.85
C VAL B 12 -6.05 -7.46 24.06
N GLN B 13 -6.21 -8.08 25.23
CA GLN B 13 -5.64 -7.51 26.44
C GLN B 13 -4.10 -7.52 26.37
N PRO B 14 -3.46 -6.55 27.00
CA PRO B 14 -1.99 -6.61 27.12
C PRO B 14 -1.57 -7.89 27.82
N GLY B 15 -0.50 -8.51 27.30
CA GLY B 15 -0.05 -9.80 27.78
C GLY B 15 -0.75 -10.99 27.17
N GLY B 16 -1.78 -10.76 26.35
CA GLY B 16 -2.49 -11.84 25.70
C GLY B 16 -1.79 -12.31 24.44
N SER B 17 -2.47 -13.20 23.72
CA SER B 17 -1.94 -13.82 22.52
C SER B 17 -2.94 -13.67 21.38
N LEU B 18 -2.43 -13.72 20.15
CA LEU B 18 -3.28 -13.57 18.98
C LEU B 18 -2.60 -14.21 17.78
N ARG B 19 -3.41 -14.75 16.88
CA ARG B 19 -2.94 -15.51 15.72
C ARG B 19 -3.44 -14.83 14.45
N LEU B 20 -2.51 -14.40 13.60
CA LEU B 20 -2.83 -13.73 12.34
C LEU B 20 -2.64 -14.69 11.17
N SER B 21 -3.40 -14.44 10.10
CA SER B 21 -3.43 -15.33 8.95
C SER B 21 -3.26 -14.53 7.66
N CYS B 22 -2.58 -15.16 6.69
CA CYS B 22 -2.45 -14.63 5.34
C CYS B 22 -2.82 -15.77 4.40
N GLU B 23 -3.94 -15.61 3.70
CA GLU B 23 -4.42 -16.59 2.75
C GLU B 23 -4.10 -16.13 1.33
N ALA B 24 -3.50 -17.01 0.55
CA ALA B 24 -3.12 -16.73 -0.82
C ALA B 24 -4.09 -17.42 -1.78
N SER B 25 -4.62 -16.65 -2.73
CA SER B 25 -5.58 -17.17 -3.71
C SER B 25 -5.06 -16.88 -5.11
N GLY B 26 -5.14 -17.88 -5.98
CA GLY B 26 -4.80 -17.73 -7.38
C GLY B 26 -3.44 -18.26 -7.78
N GLU B 27 -2.56 -18.53 -6.82
CA GLU B 27 -1.23 -19.05 -7.12
C GLU B 27 -0.63 -19.64 -5.86
N SER B 28 0.42 -20.43 -6.04
CA SER B 28 1.20 -20.96 -4.93
C SER B 28 2.31 -19.99 -4.58
N VAL B 29 2.44 -19.67 -3.29
CA VAL B 29 3.51 -18.84 -2.79
C VAL B 29 4.52 -19.68 -2.00
N GLY B 30 4.55 -20.99 -2.26
CA GLY B 30 5.36 -21.88 -1.45
C GLY B 30 6.85 -21.60 -1.50
N ASP B 31 7.35 -21.13 -2.63
CA ASP B 31 8.77 -20.87 -2.82
C ASP B 31 9.14 -19.41 -2.61
N ASN B 32 8.20 -18.59 -2.13
CA ASN B 32 8.41 -17.16 -1.97
C ASN B 32 8.70 -16.80 -0.52
N ASP B 33 9.53 -15.78 -0.34
CA ASP B 33 9.62 -15.12 0.95
C ASP B 33 8.32 -14.38 1.23
N MET B 34 7.83 -14.49 2.46
CA MET B 34 6.63 -13.78 2.88
C MET B 34 6.97 -12.88 4.05
N HIS B 35 6.45 -11.66 4.02
CA HIS B 35 6.83 -10.62 4.97
C HIS B 35 5.62 -10.11 5.73
N TRP B 36 5.86 -9.70 6.98
CA TRP B 36 4.86 -9.05 7.82
C TRP B 36 5.36 -7.65 8.14
N VAL B 37 4.58 -6.64 7.75
CA VAL B 37 4.94 -5.23 7.90
C VAL B 37 3.76 -4.50 8.52
N ARG B 38 4.01 -3.68 9.54
CA ARG B 38 2.94 -3.00 10.23
C ARG B 38 2.98 -1.50 9.97
N GLN B 39 1.83 -0.86 10.22
CA GLN B 39 1.61 0.55 9.94
C GLN B 39 0.66 1.11 10.98
N VAL B 40 1.05 2.21 11.63
CA VAL B 40 0.26 2.83 12.67
C VAL B 40 -0.46 4.05 12.10
N ALA B 41 -1.78 4.11 12.32
CA ALA B 41 -2.58 5.26 11.90
C ALA B 41 -2.46 5.51 10.39
N GLY B 42 -2.46 4.42 9.62
CA GLY B 42 -2.38 4.50 8.17
C GLY B 42 -1.24 5.36 7.67
N LYS B 43 -0.16 5.43 8.44
CA LYS B 43 0.94 6.34 8.16
C LYS B 43 2.23 5.73 8.69
N GLY B 44 3.23 5.66 7.82
CA GLY B 44 4.49 5.02 8.19
C GLY B 44 4.45 3.52 8.02
N LEU B 45 5.61 2.96 7.68
CA LEU B 45 5.74 1.52 7.42
C LEU B 45 6.95 0.97 8.16
N GLU B 46 6.75 -0.16 8.84
CA GLU B 46 7.81 -0.84 9.58
C GLU B 46 7.79 -2.32 9.23
N TRP B 47 8.86 -2.79 8.61
CA TRP B 47 9.01 -4.23 8.40
C TRP B 47 9.16 -4.93 9.75
N VAL B 48 8.37 -5.99 9.96
CA VAL B 48 8.30 -6.67 11.24
C VAL B 48 8.97 -8.03 11.19
N SER B 49 8.53 -8.91 10.29
CA SER B 49 9.08 -10.26 10.26
C SER B 49 9.07 -10.78 8.83
N SER B 50 9.65 -11.96 8.65
CA SER B 50 9.63 -12.61 7.34
C SER B 50 9.95 -14.09 7.51
N ILE B 51 9.47 -14.89 6.58
CA ILE B 51 9.73 -16.32 6.54
C ILE B 51 10.08 -16.72 5.11
N GLY B 52 11.07 -17.60 4.97
CA GLY B 52 11.50 -18.08 3.67
C GLY B 52 10.76 -19.33 3.26
N SER B 53 11.06 -19.77 2.03
CA SER B 53 10.43 -20.98 1.50
C SER B 53 10.75 -22.19 2.36
N SER B 54 11.97 -22.25 2.90
CA SER B 54 12.43 -23.41 3.66
C SER B 54 12.09 -23.33 5.14
N GLY B 55 11.29 -22.35 5.56
CA GLY B 55 10.91 -22.22 6.95
C GLY B 55 11.84 -21.37 7.79
N ASP B 56 12.95 -20.91 7.23
CA ASP B 56 13.81 -19.98 7.98
C ASP B 56 13.06 -18.69 8.26
N THR B 57 13.21 -18.18 9.48
CA THR B 57 12.45 -17.03 9.94
C THR B 57 13.38 -15.89 10.36
N TYR B 58 12.84 -14.68 10.30
CA TYR B 58 13.62 -13.47 10.60
C TYR B 58 12.71 -12.47 11.29
N TYR B 59 13.23 -11.83 12.34
CA TYR B 59 12.48 -10.90 13.16
C TYR B 59 13.30 -9.66 13.46
N ILE B 60 12.60 -8.57 13.76
CA ILE B 60 13.26 -7.40 14.34
C ILE B 60 13.54 -7.66 15.82
N ASP B 61 14.52 -6.93 16.36
CA ASP B 61 14.93 -7.17 17.74
C ASP B 61 13.80 -6.87 18.72
N ALA B 62 12.95 -5.88 18.42
CA ALA B 62 11.91 -5.47 19.36
C ALA B 62 10.87 -6.55 19.62
N VAL B 63 10.72 -7.51 18.70
CA VAL B 63 9.75 -8.58 18.85
C VAL B 63 10.41 -9.95 18.96
N LYS B 64 11.74 -10.01 18.89
CA LYS B 64 12.44 -11.28 18.99
C LYS B 64 12.02 -12.03 20.25
N GLY B 65 11.87 -13.35 20.12
CA GLY B 65 11.50 -14.19 21.24
C GLY B 65 10.05 -14.10 21.65
N ARG B 66 9.30 -13.10 21.18
CA ARG B 66 7.88 -12.97 21.50
C ARG B 66 6.96 -13.33 20.36
N PHE B 67 7.38 -13.10 19.11
CA PHE B 67 6.59 -13.45 17.94
C PHE B 67 7.18 -14.67 17.25
N THR B 68 6.30 -15.49 16.68
CA THR B 68 6.73 -16.67 15.93
C THR B 68 5.90 -16.77 14.66
N VAL B 69 6.57 -16.93 13.53
CA VAL B 69 5.92 -17.02 12.24
C VAL B 69 5.98 -18.46 11.75
N SER B 70 4.96 -18.86 10.99
CA SER B 70 4.90 -20.19 10.41
C SER B 70 4.18 -20.11 9.08
N ARG B 71 4.09 -21.24 8.38
CA ARG B 71 3.40 -21.30 7.11
C ARG B 71 2.88 -22.71 6.89
N ASP B 72 1.87 -22.81 6.02
CA ASP B 72 1.26 -24.08 5.64
C ASP B 72 1.14 -24.08 4.12
N LYS B 73 2.03 -24.83 3.46
CA LYS B 73 2.03 -24.85 2.00
C LYS B 73 0.85 -25.64 1.45
N GLY B 74 0.40 -26.67 2.18
CA GLY B 74 -0.81 -27.37 1.78
C GLY B 74 -2.03 -26.47 1.79
N ARG B 75 -2.08 -25.53 2.74
CA ARG B 75 -3.14 -24.52 2.79
C ARG B 75 -2.76 -23.24 2.07
N ASN B 76 -1.54 -23.13 1.56
CA ASN B 76 -1.08 -21.94 0.85
C ASN B 76 -1.28 -20.69 1.72
N SER B 77 -0.89 -20.79 2.99
CA SER B 77 -1.14 -19.73 3.95
C SER B 77 0.11 -19.49 4.79
N VAL B 78 0.12 -18.35 5.47
CA VAL B 78 1.16 -18.00 6.44
C VAL B 78 0.48 -17.53 7.72
N TYR B 79 1.13 -17.76 8.85
CA TYR B 79 0.54 -17.45 10.14
C TYR B 79 1.54 -16.74 11.04
N LEU B 80 1.01 -15.90 11.92
CA LEU B 80 1.81 -15.13 12.87
C LEU B 80 1.22 -15.31 14.27
N GLN B 81 1.88 -16.11 15.10
CA GLN B 81 1.48 -16.31 16.49
C GLN B 81 2.22 -15.30 17.36
N MET B 82 1.46 -14.50 18.12
CA MET B 82 2.00 -13.44 18.96
C MET B 82 1.58 -13.69 20.40
N LYS B 83 2.54 -13.55 21.32
CA LYS B 83 2.29 -13.74 22.73
C LYS B 83 2.86 -12.57 23.53
N THR B 84 2.42 -12.45 24.77
CA THR B 84 2.83 -11.36 25.66
C THR B 84 2.82 -10.02 24.93
N LEU B 85 1.67 -9.71 24.36
CA LEU B 85 1.52 -8.51 23.56
C LEU B 85 1.60 -7.26 24.42
N THR B 86 2.05 -6.17 23.82
CA THR B 86 2.19 -4.88 24.47
C THR B 86 1.50 -3.82 23.63
N VAL B 87 1.30 -2.65 24.23
CA VAL B 87 0.66 -1.54 23.52
C VAL B 87 1.49 -1.12 22.32
N GLY B 88 2.81 -1.30 22.39
CA GLY B 88 3.67 -0.99 21.26
C GLY B 88 3.46 -1.88 20.05
N ASP B 89 2.66 -2.93 20.19
CA ASP B 89 2.35 -3.84 19.08
C ASP B 89 1.06 -3.47 18.37
N THR B 90 0.32 -2.47 18.86
CA THR B 90 -0.88 -2.03 18.18
C THR B 90 -0.56 -1.48 16.80
N GLY B 91 -1.41 -1.79 15.83
CA GLY B 91 -1.22 -1.30 14.49
C GLY B 91 -1.87 -2.23 13.49
N VAL B 92 -1.81 -1.81 12.22
CA VAL B 92 -2.32 -2.60 11.11
C VAL B 92 -1.19 -3.46 10.56
N TYR B 93 -1.49 -4.73 10.29
CA TYR B 93 -0.48 -5.68 9.85
C TYR B 93 -0.80 -6.14 8.43
N PHE B 94 0.14 -5.91 7.52
CA PHE B 94 0.07 -6.33 6.14
C PHE B 94 0.99 -7.51 5.91
N CYS B 95 0.54 -8.43 5.06
CA CYS B 95 1.29 -9.57 4.58
C CYS B 95 1.68 -9.32 3.14
N VAL B 96 2.97 -9.48 2.82
CA VAL B 96 3.50 -9.06 1.52
C VAL B 96 4.26 -10.22 0.90
N ARG B 97 3.99 -10.49 -0.37
CA ARG B 97 4.68 -11.54 -1.11
C ARG B 97 6.00 -11.01 -1.65
N GLY B 98 7.10 -11.61 -1.22
CA GLY B 98 8.42 -11.20 -1.67
C GLY B 98 8.94 -12.07 -2.79
N PRO B 99 10.22 -11.88 -3.14
CA PRO B 99 10.82 -12.70 -4.19
C PRO B 99 11.00 -14.14 -3.72
N GLU B 100 11.36 -15.00 -4.68
CA GLU B 100 11.64 -16.39 -4.35
C GLU B 100 12.90 -16.47 -3.50
N SER B 101 12.85 -17.27 -2.44
CA SER B 101 13.90 -17.26 -1.43
C SER B 101 15.25 -17.65 -2.03
N GLY B 102 16.28 -16.85 -1.72
CA GLY B 102 17.64 -17.17 -2.07
C GLY B 102 18.08 -16.78 -3.47
N TRP B 103 17.16 -16.35 -4.33
CA TRP B 103 17.48 -16.06 -5.73
C TRP B 103 17.59 -14.58 -6.02
N PHE B 104 17.54 -13.74 -4.99
CA PHE B 104 17.49 -12.30 -5.21
C PHE B 104 18.73 -11.78 -5.94
N TYR B 105 19.85 -12.50 -5.83
CA TYR B 105 21.08 -12.07 -6.49
C TYR B 105 20.96 -12.15 -8.01
N HIS B 106 20.02 -12.94 -8.53
CA HIS B 106 19.77 -13.06 -9.96
C HIS B 106 18.43 -12.49 -10.39
N TYR B 107 17.36 -12.78 -9.66
CA TYR B 107 16.01 -12.35 -10.02
C TYR B 107 15.40 -11.59 -8.84
N TYR B 108 15.29 -10.27 -8.97
CA TYR B 108 14.56 -9.46 -8.00
C TYR B 108 13.71 -8.45 -8.76
N TRP B 109 12.40 -8.46 -8.49
CA TRP B 109 11.46 -7.59 -9.18
C TRP B 109 10.64 -6.75 -8.22
N GLY B 110 11.08 -6.62 -6.97
CA GLY B 110 10.35 -5.84 -5.99
C GLY B 110 9.30 -6.66 -5.27
N LEU B 111 8.66 -6.00 -4.30
CA LEU B 111 7.58 -6.60 -3.52
C LEU B 111 6.26 -6.29 -4.22
N GLY B 112 5.77 -7.27 -4.98
CA GLY B 112 4.62 -7.03 -5.84
C GLY B 112 3.26 -7.06 -5.18
N VAL B 113 3.02 -8.03 -4.29
CA VAL B 113 1.67 -8.34 -3.82
C VAL B 113 1.57 -7.99 -2.33
N TRP B 114 0.54 -7.22 -1.99
CA TRP B 114 0.24 -6.84 -0.63
C TRP B 114 -1.18 -7.28 -0.28
N GLY B 115 -1.39 -7.63 0.99
CA GLY B 115 -2.71 -7.96 1.47
C GLY B 115 -3.50 -6.73 1.82
N ARG B 116 -4.74 -6.97 2.27
CA ARG B 116 -5.61 -5.87 2.69
C ARG B 116 -5.22 -5.32 4.04
N GLY B 117 -4.55 -6.11 4.86
CA GLY B 117 -4.21 -5.71 6.21
C GLY B 117 -5.24 -6.15 7.23
N THR B 118 -4.77 -6.38 8.45
CA THR B 118 -5.65 -6.72 9.57
C THR B 118 -5.29 -5.86 10.77
N THR B 119 -6.31 -5.36 11.46
CA THR B 119 -6.11 -4.38 12.53
C THR B 119 -5.91 -5.07 13.87
N VAL B 120 -4.84 -4.70 14.56
CA VAL B 120 -4.51 -5.22 15.88
C VAL B 120 -4.54 -4.06 16.87
N THR B 121 -5.28 -4.24 17.97
CA THR B 121 -5.40 -3.22 19.01
C THR B 121 -5.08 -3.85 20.35
N VAL B 122 -4.04 -3.37 21.00
CA VAL B 122 -3.61 -3.88 22.30
C VAL B 122 -4.05 -2.88 23.36
N SER B 123 -5.05 -3.26 24.15
CA SER B 123 -5.60 -2.36 25.16
C SER B 123 -6.43 -3.16 26.14
N SER B 124 -6.52 -2.65 27.37
CA SER B 124 -7.40 -3.23 28.38
C SER B 124 -8.80 -2.64 28.34
N ALA B 125 -9.07 -1.73 27.40
CA ALA B 125 -10.40 -1.15 27.28
C ALA B 125 -11.38 -2.17 26.69
N SER B 126 -12.64 -2.01 27.06
CA SER B 126 -13.67 -2.92 26.60
C SER B 126 -14.19 -2.51 25.23
N THR B 127 -14.66 -3.50 24.46
CA THR B 127 -15.36 -3.20 23.22
C THR B 127 -16.63 -2.41 23.53
N LYS B 128 -16.84 -1.32 22.78
CA LYS B 128 -18.01 -0.48 22.98
C LYS B 128 -18.55 -0.05 21.62
N GLY B 129 -19.83 -0.33 21.38
CA GLY B 129 -20.49 0.16 20.20
C GLY B 129 -20.73 1.65 20.29
N PRO B 130 -20.76 2.33 19.16
CA PRO B 130 -20.91 3.78 19.16
C PRO B 130 -22.37 4.21 19.32
N SER B 131 -22.54 5.46 19.72
CA SER B 131 -23.83 6.14 19.65
C SER B 131 -23.82 7.01 18.41
N VAL B 132 -24.89 6.93 17.62
CA VAL B 132 -24.98 7.64 16.34
C VAL B 132 -26.08 8.67 16.45
N PHE B 133 -25.72 9.95 16.29
CA PHE B 133 -26.69 11.02 16.40
C PHE B 133 -26.79 11.79 15.09
N PRO B 134 -27.98 12.26 14.72
CA PRO B 134 -28.09 13.03 13.48
C PRO B 134 -27.50 14.43 13.63
N LEU B 135 -26.81 14.87 12.59
CA LEU B 135 -26.42 16.26 12.41
C LEU B 135 -27.35 16.83 11.34
N ALA B 136 -28.53 17.25 11.80
CA ALA B 136 -29.62 17.63 10.93
C ALA B 136 -29.36 18.98 10.26
N PRO B 137 -29.84 19.14 9.03
CA PRO B 137 -29.70 20.44 8.35
C PRO B 137 -30.34 21.55 9.16
N SER B 138 -29.64 22.66 9.26
CA SER B 138 -30.07 23.79 10.07
C SER B 138 -30.44 24.97 9.17
N SER B 139 -31.16 25.93 9.76
CA SER B 139 -31.31 27.21 9.08
C SER B 139 -29.95 27.81 8.79
N THR B 142 -27.29 26.68 7.67
CA THR B 142 -26.58 25.77 6.80
C THR B 142 -27.12 25.93 5.38
N SER B 143 -26.86 27.08 4.78
CA SER B 143 -27.43 27.43 3.49
C SER B 143 -26.41 28.21 2.68
N GLY B 144 -26.84 28.65 1.49
CA GLY B 144 -25.96 29.28 0.53
C GLY B 144 -26.03 28.56 -0.79
N GLY B 145 -27.25 28.29 -1.25
CA GLY B 145 -27.46 27.48 -2.44
C GLY B 145 -27.22 26.01 -2.16
N THR B 146 -26.16 25.72 -1.42
CA THR B 146 -25.78 24.36 -1.03
C THR B 146 -26.02 24.19 0.46
N ALA B 147 -26.55 23.03 0.84
CA ALA B 147 -26.82 22.74 2.24
C ALA B 147 -25.98 21.55 2.70
N ALA B 148 -25.60 21.55 3.98
CA ALA B 148 -24.75 20.51 4.54
C ALA B 148 -25.50 19.77 5.65
N LEU B 149 -25.30 18.47 5.71
CA LEU B 149 -25.87 17.65 6.77
C LEU B 149 -24.92 16.49 7.04
N GLY B 150 -25.12 15.83 8.18
CA GLY B 150 -24.22 14.74 8.49
C GLY B 150 -24.77 13.86 9.60
N CYS B 151 -23.91 12.96 10.07
CA CYS B 151 -24.21 12.14 11.24
C CYS B 151 -22.92 11.90 12.02
N LEU B 152 -23.09 11.75 13.34
CA LEU B 152 -22.01 11.73 14.30
C LEU B 152 -21.92 10.36 14.96
N VAL B 153 -20.73 9.76 14.91
CA VAL B 153 -20.46 8.44 15.48
C VAL B 153 -19.54 8.68 16.69
N LYS B 154 -20.10 8.57 17.89
CA LYS B 154 -19.41 9.01 19.09
C LYS B 154 -19.23 7.85 20.08
N ASP B 155 -18.05 7.80 20.70
CA ASP B 155 -17.78 6.93 21.84
C ASP B 155 -17.87 5.45 21.44
N TYR B 156 -16.91 5.03 20.62
CA TYR B 156 -16.78 3.64 20.21
C TYR B 156 -15.34 3.20 20.37
N PHE B 157 -15.15 1.88 20.37
CA PHE B 157 -13.85 1.25 20.57
C PHE B 157 -13.97 -0.24 20.30
N PRO B 158 -13.04 -0.84 19.54
CA PRO B 158 -11.92 -0.17 18.87
C PRO B 158 -12.28 0.24 17.45
N GLU B 159 -11.27 0.61 16.66
CA GLU B 159 -11.47 0.75 15.23
C GLU B 159 -11.64 -0.63 14.60
N PRO B 160 -12.19 -0.70 13.38
CA PRO B 160 -12.64 0.44 12.57
C PRO B 160 -14.16 0.59 12.53
N VAL B 161 -14.61 1.75 12.06
CA VAL B 161 -16.01 2.00 11.74
C VAL B 161 -16.10 2.32 10.25
N THR B 162 -17.14 1.81 9.59
CA THR B 162 -17.39 2.11 8.19
C THR B 162 -18.68 2.91 8.07
N VAL B 163 -18.65 3.94 7.24
CA VAL B 163 -19.80 4.81 7.04
C VAL B 163 -20.07 4.90 5.54
N SER B 164 -21.29 4.56 5.14
CA SER B 164 -21.79 4.83 3.80
C SER B 164 -23.00 5.74 3.90
N TRP B 165 -23.47 6.24 2.76
CA TRP B 165 -24.65 7.07 2.70
C TRP B 165 -25.62 6.49 1.70
N ASN B 166 -26.87 6.29 2.14
CA ASN B 166 -27.89 5.65 1.32
C ASN B 166 -27.39 4.33 0.75
N SER B 167 -26.78 3.53 1.63
CA SER B 167 -26.27 2.20 1.29
C SER B 167 -25.19 2.26 0.22
N GLY B 168 -24.41 3.33 0.21
CA GLY B 168 -23.33 3.48 -0.75
C GLY B 168 -23.71 4.19 -2.03
N ALA B 169 -24.99 4.53 -2.23
CA ALA B 169 -25.40 5.20 -3.46
C ALA B 169 -24.91 6.65 -3.53
N LEU B 170 -24.61 7.26 -2.39
CA LEU B 170 -24.20 8.66 -2.33
C LEU B 170 -22.71 8.73 -1.99
N THR B 171 -21.93 9.29 -2.91
CA THR B 171 -20.48 9.39 -2.70
C THR B 171 -20.00 10.81 -3.03
N SER B 172 -20.65 11.47 -3.97
CA SER B 172 -20.26 12.84 -4.33
C SER B 172 -20.51 13.78 -3.17
N GLY B 173 -19.50 14.60 -2.85
CA GLY B 173 -19.61 15.56 -1.77
C GLY B 173 -19.53 14.98 -0.38
N VAL B 174 -19.14 13.72 -0.24
CA VAL B 174 -19.06 13.06 1.06
C VAL B 174 -17.67 13.27 1.64
N HIS B 175 -17.62 13.65 2.91
CA HIS B 175 -16.37 13.75 3.66
C HIS B 175 -16.53 12.94 4.94
N THR B 176 -15.80 11.82 5.04
CA THR B 176 -15.73 11.03 6.25
C THR B 176 -14.41 11.31 6.93
N PHE B 177 -14.47 11.91 8.11
CA PHE B 177 -13.27 12.38 8.77
C PHE B 177 -12.52 11.26 9.46
N PRO B 178 -11.20 11.39 9.61
CA PRO B 178 -10.44 10.39 10.39
C PRO B 178 -10.90 10.38 11.83
N ALA B 179 -10.95 9.18 12.41
CA ALA B 179 -11.34 9.06 13.80
C ALA B 179 -10.35 9.79 14.71
N VAL B 180 -10.88 10.38 15.78
CA VAL B 180 -10.08 11.08 16.78
C VAL B 180 -10.28 10.39 18.12
N LEU B 181 -9.18 10.16 18.83
CA LEU B 181 -9.24 9.53 20.14
C LEU B 181 -9.56 10.59 21.18
N GLN B 182 -10.65 10.37 21.92
CA GLN B 182 -11.02 11.30 22.97
C GLN B 182 -10.22 11.01 24.24
N SER B 183 -10.28 11.96 25.19
CA SER B 183 -9.55 11.79 26.43
C SER B 183 -10.02 10.56 27.19
N SER B 184 -11.27 10.13 26.96
CA SER B 184 -11.80 8.97 27.65
C SER B 184 -11.19 7.66 27.16
N GLY B 185 -10.52 7.67 26.01
CA GLY B 185 -10.03 6.46 25.40
C GLY B 185 -10.94 5.88 24.34
N LEU B 186 -12.09 6.47 24.11
CA LEU B 186 -13.02 6.05 23.07
C LEU B 186 -12.82 6.91 21.82
N TYR B 187 -13.14 6.33 20.67
CA TYR B 187 -13.01 7.05 19.41
C TYR B 187 -14.32 7.76 19.06
N SER B 188 -14.20 8.76 18.20
CA SER B 188 -15.35 9.47 17.66
C SER B 188 -14.96 10.06 16.31
N LEU B 189 -15.94 10.12 15.42
CA LEU B 189 -15.74 10.72 14.10
C LEU B 189 -17.10 11.17 13.59
N SER B 190 -17.06 12.01 12.56
CA SER B 190 -18.27 12.49 11.90
C SER B 190 -18.20 12.17 10.42
N SER B 191 -19.36 12.00 9.80
CA SER B 191 -19.47 11.87 8.36
C SER B 191 -20.44 12.93 7.86
N VAL B 192 -19.99 13.73 6.89
CA VAL B 192 -20.78 14.86 6.41
C VAL B 192 -20.95 14.75 4.90
N VAL B 193 -21.98 15.41 4.41
CA VAL B 193 -22.27 15.46 2.98
C VAL B 193 -22.96 16.78 2.67
N THR B 194 -22.61 17.35 1.52
CA THR B 194 -23.25 18.54 0.99
C THR B 194 -24.18 18.16 -0.15
N VAL B 195 -25.38 18.72 -0.14
CA VAL B 195 -26.41 18.38 -1.11
C VAL B 195 -27.11 19.66 -1.56
N PRO B 196 -27.81 19.59 -2.70
CA PRO B 196 -28.61 20.74 -3.13
C PRO B 196 -29.66 21.08 -2.10
N SER B 197 -29.73 22.37 -1.73
CA SER B 197 -30.69 22.80 -0.72
C SER B 197 -32.11 22.44 -1.12
N SER B 198 -32.37 22.30 -2.43
CA SER B 198 -33.72 22.02 -2.89
C SER B 198 -34.13 20.57 -2.67
N SER B 199 -33.17 19.66 -2.48
CA SER B 199 -33.46 18.25 -2.33
C SER B 199 -33.77 17.84 -0.90
N LEU B 200 -33.66 18.76 0.06
CA LEU B 200 -33.85 18.39 1.46
C LEU B 200 -35.27 17.92 1.73
N GLY B 201 -36.24 18.39 0.94
CA GLY B 201 -37.62 18.03 1.17
C GLY B 201 -38.04 16.76 0.47
N THR B 202 -37.32 16.38 -0.59
CA THR B 202 -37.71 15.26 -1.42
C THR B 202 -36.80 14.05 -1.30
N GLN B 203 -35.55 14.22 -0.88
CA GLN B 203 -34.59 13.13 -0.81
C GLN B 203 -34.42 12.66 0.63
N THR B 204 -34.50 11.36 0.84
CA THR B 204 -34.18 10.77 2.12
C THR B 204 -32.68 10.54 2.23
N TYR B 205 -32.12 10.92 3.38
CA TYR B 205 -30.69 10.77 3.64
C TYR B 205 -30.50 9.88 4.86
N ILE B 206 -29.87 8.74 4.65
CA ILE B 206 -29.65 7.74 5.69
C ILE B 206 -28.16 7.43 5.73
N CYS B 207 -27.54 7.58 6.89
CA CYS B 207 -26.13 7.25 7.07
C CYS B 207 -26.04 5.87 7.70
N ASN B 208 -25.22 5.01 7.10
CA ASN B 208 -25.12 3.60 7.46
C ASN B 208 -23.77 3.36 8.11
N VAL B 209 -23.78 3.06 9.40
CA VAL B 209 -22.58 2.84 10.19
C VAL B 209 -22.47 1.36 10.54
N ASN B 210 -21.29 0.79 10.32
CA ASN B 210 -21.03 -0.60 10.67
C ASN B 210 -19.76 -0.66 11.52
N HIS B 211 -19.89 -1.18 12.74
CA HIS B 211 -18.79 -1.39 13.68
C HIS B 211 -18.90 -2.85 14.12
N LYS B 212 -18.26 -3.73 13.37
CA LYS B 212 -18.42 -5.18 13.57
C LYS B 212 -17.77 -5.66 14.86
N PRO B 213 -16.67 -5.05 15.32
CA PRO B 213 -16.13 -5.45 16.62
C PRO B 213 -17.16 -5.51 17.72
N SER B 214 -18.18 -4.66 17.67
CA SER B 214 -19.29 -4.69 18.61
C SER B 214 -20.58 -5.18 17.97
N ASN B 215 -20.52 -5.68 16.73
CA ASN B 215 -21.69 -6.20 16.04
C ASN B 215 -22.76 -5.12 15.90
N THR B 216 -22.34 -3.89 15.65
CA THR B 216 -23.26 -2.76 15.56
C THR B 216 -23.51 -2.41 14.10
N LYS B 217 -24.76 -2.53 13.66
CA LYS B 217 -25.21 -2.04 12.37
C LYS B 217 -26.30 -1.02 12.61
N VAL B 218 -26.08 0.22 12.20
CA VAL B 218 -27.00 1.31 12.48
C VAL B 218 -27.32 2.06 11.20
N ASP B 219 -28.61 2.24 10.92
CA ASP B 219 -29.08 3.11 9.86
C ASP B 219 -29.73 4.33 10.51
N LYS B 220 -29.23 5.52 10.18
CA LYS B 220 -29.72 6.74 10.80
C LYS B 220 -30.41 7.61 9.75
N ARG B 221 -31.68 7.92 10.00
CA ARG B 221 -32.43 8.88 9.20
C ARG B 221 -32.01 10.29 9.60
N VAL B 222 -31.75 11.14 8.61
CA VAL B 222 -31.35 12.52 8.85
C VAL B 222 -32.36 13.43 8.17
N GLU B 223 -33.05 14.23 8.96
CA GLU B 223 -34.13 15.08 8.48
C GLU B 223 -34.02 16.46 9.11
N PRO B 224 -34.61 17.48 8.49
CA PRO B 224 -34.51 18.83 9.03
C PRO B 224 -35.09 18.94 10.44
N LYS B 225 -34.54 19.88 11.21
CA LYS B 225 -34.96 20.09 12.59
C LYS B 225 -36.17 21.02 12.66
N SER B 226 -36.01 22.25 12.18
CA SER B 226 -37.10 23.21 12.19
C SER B 226 -37.27 23.87 10.82
N ASP C 1 21.82 -1.62 13.77
CA ASP C 1 21.28 -2.11 12.51
C ASP C 1 21.41 -1.05 11.41
N LEU C 2 20.67 -1.24 10.33
CA LEU C 2 20.70 -0.34 9.18
C LEU C 2 19.55 0.64 9.24
N LEU C 3 19.78 1.85 8.74
CA LEU C 3 18.81 2.93 8.83
C LEU C 3 18.63 3.61 7.48
N MET C 4 17.39 3.96 7.17
CA MET C 4 17.02 4.63 5.92
C MET C 4 16.36 5.95 6.26
N THR C 5 16.91 7.05 5.73
CA THR C 5 16.46 8.39 6.08
C THR C 5 15.92 9.07 4.82
N GLN C 6 14.64 9.42 4.83
CA GLN C 6 14.01 10.14 3.73
C GLN C 6 13.94 11.63 4.04
N SER C 7 13.93 12.44 2.98
CA SER C 7 13.80 13.88 3.09
C SER C 7 13.25 14.40 1.77
N PRO C 8 12.28 15.30 1.78
CA PRO C 8 11.67 15.86 2.99
C PRO C 8 10.54 14.99 3.54
N HIS C 9 9.98 15.38 4.69
CA HIS C 9 8.84 14.65 5.23
C HIS C 9 7.59 14.89 4.41
N SER C 10 7.43 16.09 3.85
CA SER C 10 6.26 16.42 3.04
C SER C 10 6.62 17.57 2.10
N LEU C 11 5.91 17.64 0.98
CA LEU C 11 6.06 18.76 0.07
C LEU C 11 4.78 18.91 -0.74
N ALA C 12 4.48 20.15 -1.11
CA ALA C 12 3.35 20.48 -1.96
C ALA C 12 3.88 21.08 -3.25
N VAL C 13 3.36 20.59 -4.38
CA VAL C 13 3.86 20.96 -5.70
C VAL C 13 2.69 21.38 -6.58
N THR C 14 2.93 22.36 -7.45
CA THR C 14 1.92 22.76 -8.42
C THR C 14 1.89 21.74 -9.56
N PRO C 15 0.69 21.34 -9.99
CA PRO C 15 0.59 20.33 -11.05
C PRO C 15 1.37 20.77 -12.30
N GLY C 16 1.98 19.77 -12.96
CA GLY C 16 2.79 20.02 -14.13
C GLY C 16 4.26 20.21 -13.85
N GLU C 17 4.64 20.52 -12.61
CA GLU C 17 6.03 20.78 -12.28
C GLU C 17 6.65 19.58 -11.56
N PRO C 18 7.97 19.49 -11.56
CA PRO C 18 8.64 18.30 -11.06
C PRO C 18 8.73 18.29 -9.54
N ALA C 19 8.98 17.09 -9.01
CA ALA C 19 9.20 16.87 -7.59
C ALA C 19 10.41 15.97 -7.42
N SER C 20 11.19 16.21 -6.36
CA SER C 20 12.39 15.44 -6.08
C SER C 20 12.39 15.03 -4.61
N ILE C 21 12.62 13.75 -4.36
CA ILE C 21 12.63 13.17 -3.03
C ILE C 21 13.94 12.40 -2.86
N SER C 22 14.47 12.43 -1.64
CA SER C 22 15.80 11.89 -1.37
C SER C 22 15.72 10.81 -0.30
N CYS C 23 16.34 9.66 -0.59
CA CYS C 23 16.49 8.57 0.36
C CYS C 23 17.97 8.30 0.54
N ARG C 24 18.44 8.32 1.79
CA ARG C 24 19.85 8.11 2.10
C ARG C 24 19.98 6.92 3.05
N SER C 25 20.88 6.00 2.71
CA SER C 25 21.16 4.83 3.52
C SER C 25 22.46 5.02 4.29
N SER C 26 22.52 4.41 5.47
CA SER C 26 23.75 4.47 6.28
C SER C 26 24.85 3.58 5.71
N GLN C 27 24.49 2.56 4.93
CA GLN C 27 25.45 1.63 4.37
C GLN C 27 25.18 1.46 2.88
N SER C 28 26.23 1.11 2.14
CA SER C 28 26.12 0.97 0.69
C SER C 28 25.19 -0.17 0.33
N LEU C 29 24.39 0.04 -0.72
CA LEU C 29 23.42 -0.94 -1.18
C LEU C 29 23.84 -1.61 -2.48
N LEU C 30 25.07 -1.38 -2.93
CA LEU C 30 25.54 -1.97 -4.17
C LEU C 30 26.08 -3.38 -3.92
N LEU C 31 25.62 -4.34 -4.70
CA LEU C 31 26.04 -5.73 -4.59
C LEU C 31 26.91 -6.11 -5.78
N GLY C 32 27.49 -7.30 -5.69
CA GLY C 32 28.46 -7.76 -6.67
C GLY C 32 27.95 -7.78 -8.10
N ASN C 33 26.64 -7.89 -8.30
CA ASN C 33 26.07 -7.82 -9.63
C ASN C 33 25.94 -6.39 -10.14
N GLY C 34 26.44 -5.41 -9.39
CA GLY C 34 26.42 -4.03 -9.80
C GLY C 34 25.06 -3.38 -9.85
N ARG C 35 24.04 -4.01 -9.25
CA ARG C 35 22.72 -3.43 -9.13
C ARG C 35 22.49 -3.00 -7.69
N ASN C 36 21.83 -1.85 -7.51
CA ASN C 36 21.56 -1.30 -6.19
C ASN C 36 20.18 -1.77 -5.73
N TYR C 37 20.13 -2.39 -4.56
CA TYR C 37 18.89 -2.97 -4.04
C TYR C 37 18.16 -1.92 -3.21
N LEU C 38 17.48 -1.02 -3.92
CA LEU C 38 16.71 0.06 -3.32
C LEU C 38 15.43 0.24 -4.12
N ASP C 39 14.29 0.21 -3.45
CA ASP C 39 12.99 0.30 -4.10
C ASP C 39 12.24 1.55 -3.64
N TRP C 40 11.30 1.99 -4.47
CA TRP C 40 10.40 3.08 -4.16
C TRP C 40 8.96 2.60 -4.28
N TYR C 41 8.15 2.87 -3.26
CA TYR C 41 6.76 2.47 -3.19
C TYR C 41 5.90 3.70 -2.94
N VAL C 42 4.64 3.62 -3.37
CA VAL C 42 3.66 4.66 -3.15
C VAL C 42 2.44 4.05 -2.47
N GLN C 43 1.86 4.80 -1.55
CA GLN C 43 0.63 4.42 -0.85
C GLN C 43 -0.36 5.57 -1.01
N LYS C 44 -1.40 5.34 -1.80
CA LYS C 44 -2.43 6.34 -2.02
C LYS C 44 -3.51 6.23 -0.96
N PRO C 45 -4.28 7.30 -0.75
CA PRO C 45 -5.30 7.28 0.30
C PRO C 45 -6.26 6.10 0.15
N GLY C 46 -6.42 5.35 1.24
CA GLY C 46 -7.36 4.24 1.27
C GLY C 46 -6.92 2.99 0.57
N GLN C 47 -5.68 2.93 0.09
CA GLN C 47 -5.20 1.78 -0.67
C GLN C 47 -3.93 1.23 -0.03
N SER C 48 -3.63 -0.02 -0.37
CA SER C 48 -2.36 -0.62 0.03
C SER C 48 -1.24 -0.04 -0.82
N PRO C 49 0.01 -0.13 -0.35
CA PRO C 49 1.13 0.34 -1.15
C PRO C 49 1.22 -0.41 -2.47
N GLN C 50 1.91 0.21 -3.42
CA GLN C 50 2.15 -0.41 -4.72
C GLN C 50 3.53 0.00 -5.22
N LEU C 51 4.23 -0.95 -5.81
CA LEU C 51 5.63 -0.73 -6.20
C LEU C 51 5.73 0.29 -7.33
N LEU C 52 6.66 1.22 -7.19
CA LEU C 52 6.98 2.19 -8.22
C LEU C 52 8.32 1.90 -8.90
N ILE C 53 9.39 1.77 -8.13
CA ILE C 53 10.72 1.54 -8.68
C ILE C 53 11.35 0.34 -7.97
N TYR C 54 12.00 -0.51 -8.75
CA TYR C 54 12.73 -1.66 -8.21
C TYR C 54 14.18 -1.61 -8.68
N LEU C 55 15.08 -2.04 -7.79
CA LEU C 55 16.52 -2.09 -8.08
C LEU C 55 17.05 -0.73 -8.51
N GLY C 56 16.66 0.31 -7.77
CA GLY C 56 17.25 1.63 -7.93
C GLY C 56 16.74 2.55 -9.01
N SER C 57 16.70 2.10 -10.26
CA SER C 57 16.38 2.99 -11.37
C SER C 57 15.43 2.38 -12.39
N ASN C 58 14.85 1.22 -12.12
CA ASN C 58 14.02 0.51 -13.09
C ASN C 58 12.54 0.74 -12.77
N ARG C 59 11.82 1.32 -13.72
CA ARG C 59 10.38 1.53 -13.54
C ARG C 59 9.64 0.20 -13.52
N ALA C 60 8.71 0.07 -12.57
CA ALA C 60 7.91 -1.12 -12.47
C ALA C 60 6.87 -1.17 -13.59
N SER C 61 6.30 -2.35 -13.80
CA SER C 61 5.30 -2.53 -14.84
C SER C 61 4.09 -1.62 -14.57
N GLY C 62 3.62 -0.97 -15.64
CA GLY C 62 2.47 -0.09 -15.54
C GLY C 62 2.79 1.33 -15.13
N VAL C 63 4.03 1.62 -14.73
CA VAL C 63 4.41 2.95 -14.29
C VAL C 63 4.79 3.80 -15.50
N PRO C 64 4.21 4.98 -15.66
CA PRO C 64 4.57 5.83 -16.80
C PRO C 64 5.97 6.41 -16.66
N ASP C 65 6.52 6.84 -17.80
CA ASP C 65 7.90 7.31 -17.85
C ASP C 65 8.10 8.67 -17.19
N ARG C 66 7.06 9.29 -16.66
CA ARG C 66 7.24 10.53 -15.91
C ARG C 66 8.06 10.30 -14.65
N PHE C 67 8.01 9.09 -14.12
CA PHE C 67 8.74 8.76 -12.89
C PHE C 67 10.10 8.20 -13.24
N SER C 68 11.14 8.72 -12.58
CA SER C 68 12.50 8.27 -12.80
C SER C 68 13.23 8.19 -11.48
N GLY C 69 14.11 7.21 -11.35
CA GLY C 69 14.94 7.05 -10.17
C GLY C 69 16.41 7.10 -10.55
N SER C 70 17.22 7.72 -9.68
CA SER C 70 18.65 7.82 -9.91
C SER C 70 19.37 7.70 -8.57
N GLY C 71 20.70 7.69 -8.63
CA GLY C 71 21.53 7.57 -7.45
C GLY C 71 22.23 6.22 -7.39
N SER C 72 23.10 6.09 -6.39
CA SER C 72 23.87 4.88 -6.22
C SER C 72 24.41 4.82 -4.79
N GLY C 73 24.99 3.67 -4.45
CA GLY C 73 25.64 3.46 -3.18
C GLY C 73 24.78 3.75 -1.98
N THR C 74 24.96 4.93 -1.38
CA THR C 74 24.26 5.31 -0.18
C THR C 74 23.30 6.48 -0.37
N TYR C 75 23.18 7.00 -1.59
CA TYR C 75 22.31 8.14 -1.84
C TYR C 75 21.48 7.89 -3.09
N PHE C 76 20.16 8.02 -2.96
CA PHE C 76 19.24 7.76 -4.04
C PHE C 76 18.18 8.86 -4.10
N THR C 77 17.68 9.11 -5.30
CA THR C 77 16.69 10.17 -5.51
C THR C 77 15.59 9.67 -6.43
N LEU C 78 14.35 9.93 -6.03
CA LEU C 78 13.17 9.68 -6.84
C LEU C 78 12.64 11.01 -7.38
N LYS C 79 12.51 11.10 -8.69
CA LYS C 79 12.07 12.33 -9.35
C LYS C 79 10.82 12.07 -10.18
N ILE C 80 9.82 12.93 -10.01
CA ILE C 80 8.62 12.94 -10.83
C ILE C 80 8.72 14.14 -11.75
N SER C 81 8.84 13.89 -13.06
CA SER C 81 9.09 14.98 -14.00
C SER C 81 7.92 15.94 -14.08
N ARG C 82 6.69 15.43 -14.07
CA ARG C 82 5.49 16.26 -14.18
C ARG C 82 4.44 15.69 -13.24
N VAL C 83 4.12 16.44 -12.19
CA VAL C 83 3.18 15.98 -11.17
C VAL C 83 1.75 16.15 -11.68
N GLU C 84 0.94 15.12 -11.46
CA GLU C 84 -0.49 15.15 -11.72
C GLU C 84 -1.24 14.99 -10.40
N ALA C 85 -2.54 15.29 -10.43
CA ALA C 85 -3.35 15.20 -9.22
C ALA C 85 -3.32 13.79 -8.64
N GLU C 86 -3.26 12.78 -9.49
CA GLU C 86 -3.32 11.40 -9.04
C GLU C 86 -2.08 10.96 -8.27
N ASP C 87 -1.02 11.78 -8.24
CA ASP C 87 0.21 11.39 -7.57
C ASP C 87 0.21 11.68 -6.08
N VAL C 88 -0.83 12.34 -5.56
CA VAL C 88 -0.89 12.64 -4.14
C VAL C 88 -0.83 11.35 -3.34
N GLY C 89 -0.12 11.39 -2.21
CA GLY C 89 -0.04 10.22 -1.36
C GLY C 89 1.30 10.16 -0.65
N PHE C 90 1.60 8.99 -0.09
CA PHE C 90 2.82 8.79 0.68
C PHE C 90 3.83 7.97 -0.11
N TYR C 91 5.09 8.36 -0.04
CA TYR C 91 6.16 7.69 -0.79
C TYR C 91 7.21 7.17 0.17
N TYR C 92 7.57 5.90 0.02
CA TYR C 92 8.51 5.24 0.92
C TYR C 92 9.62 4.59 0.12
N CYS C 93 10.86 4.78 0.56
CA CYS C 93 11.95 3.98 0.02
C CYS C 93 12.17 2.75 0.89
N MET C 94 12.83 1.75 0.31
CA MET C 94 13.05 0.50 1.02
C MET C 94 14.36 -0.13 0.58
N GLU C 95 15.15 -0.56 1.56
CA GLU C 95 16.37 -1.31 1.27
C GLU C 95 16.10 -2.80 1.29
N ALA C 96 16.73 -3.52 0.37
CA ALA C 96 16.58 -4.97 0.31
C ALA C 96 17.93 -5.70 0.30
N ARG C 97 19.03 -4.99 0.58
CA ARG C 97 20.32 -5.65 0.59
C ARG C 97 20.40 -6.73 1.65
N GLN C 98 19.70 -6.56 2.77
CA GLN C 98 19.69 -7.53 3.84
C GLN C 98 18.63 -8.60 3.67
N THR C 99 18.00 -8.69 2.49
CA THR C 99 16.96 -9.66 2.22
C THR C 99 17.31 -11.00 2.85
N PRO C 100 16.37 -11.66 3.55
CA PRO C 100 14.96 -11.29 3.67
C PRO C 100 14.64 -10.19 4.71
N ARG C 101 15.64 -9.50 5.26
CA ARG C 101 15.39 -8.41 6.19
C ARG C 101 15.33 -7.10 5.43
N LEU C 102 14.35 -6.26 5.78
CA LEU C 102 14.08 -5.03 5.05
C LEU C 102 13.98 -3.86 6.02
N THR C 103 14.14 -2.65 5.48
CA THR C 103 14.07 -1.43 6.28
C THR C 103 13.46 -0.33 5.42
N PHE C 104 12.37 0.27 5.90
CA PHE C 104 11.68 1.33 5.18
C PHE C 104 12.12 2.69 5.68
N GLY C 105 12.19 3.65 4.77
CA GLY C 105 12.36 5.04 5.15
C GLY C 105 11.12 5.58 5.83
N GLY C 106 11.27 6.74 6.47
CA GLY C 106 10.19 7.34 7.20
C GLY C 106 8.99 7.70 6.36
N GLY C 107 9.19 7.89 5.06
CA GLY C 107 8.12 8.27 4.17
C GLY C 107 8.06 9.77 3.94
N THR C 108 7.45 10.15 2.82
CA THR C 108 7.33 11.54 2.42
C THR C 108 5.92 11.78 1.91
N LYS C 109 5.27 12.82 2.43
CA LYS C 109 3.91 13.16 2.06
C LYS C 109 3.94 14.08 0.84
N LEU C 110 3.27 13.67 -0.22
CA LEU C 110 3.16 14.45 -1.46
C LEU C 110 1.74 14.98 -1.56
N GLU C 111 1.61 16.30 -1.41
CA GLU C 111 0.36 17.04 -1.54
C GLU C 111 0.39 17.86 -2.82
N ILE C 112 -0.79 18.26 -3.28
CA ILE C 112 -0.97 18.98 -4.52
C ILE C 112 -1.39 20.42 -4.20
N ARG C 113 -0.76 21.37 -4.87
CA ARG C 113 -1.04 22.79 -4.65
C ARG C 113 -2.10 23.28 -5.61
N ARG C 114 -2.96 24.18 -5.12
CA ARG C 114 -3.97 24.82 -5.94
C ARG C 114 -4.17 26.25 -5.44
N THR C 115 -5.12 26.95 -6.05
CA THR C 115 -5.41 28.31 -5.65
C THR C 115 -6.07 28.33 -4.28
N VAL C 116 -5.90 29.46 -3.58
CA VAL C 116 -6.50 29.60 -2.26
C VAL C 116 -8.01 29.49 -2.38
N ALA C 117 -8.61 28.75 -1.45
CA ALA C 117 -10.05 28.55 -1.41
C ALA C 117 -10.54 28.80 0.01
N ALA C 118 -11.45 29.76 0.16
CA ALA C 118 -12.00 30.05 1.47
C ALA C 118 -12.93 28.92 1.92
N PRO C 119 -12.95 28.59 3.20
CA PRO C 119 -13.83 27.52 3.67
C PRO C 119 -15.28 27.96 3.77
N SER C 120 -16.18 27.02 3.51
CA SER C 120 -17.59 27.21 3.81
C SER C 120 -17.86 26.70 5.22
N VAL C 121 -18.30 27.59 6.10
CA VAL C 121 -18.41 27.29 7.53
C VAL C 121 -19.86 26.97 7.86
N PHE C 122 -20.07 25.90 8.63
CA PHE C 122 -21.38 25.52 9.13
C PHE C 122 -21.25 25.15 10.60
N ILE C 123 -22.34 25.29 11.34
CA ILE C 123 -22.37 24.93 12.75
C ILE C 123 -23.61 24.10 13.02
N PHE C 124 -23.44 23.00 13.75
CA PHE C 124 -24.50 22.08 14.08
C PHE C 124 -24.61 21.96 15.60
N PRO C 125 -25.75 22.29 16.18
CA PRO C 125 -25.94 22.12 17.63
C PRO C 125 -26.18 20.65 17.95
N PRO C 126 -26.12 20.28 19.22
CA PRO C 126 -26.42 18.91 19.60
C PRO C 126 -27.90 18.60 19.42
N SER C 127 -28.19 17.36 19.07
CA SER C 127 -29.58 16.93 18.93
C SER C 127 -30.19 16.68 20.30
N ASP C 128 -31.52 16.82 20.36
CA ASP C 128 -32.24 16.44 21.57
C ASP C 128 -31.96 14.99 21.93
N GLU C 129 -31.83 14.14 20.91
CA GLU C 129 -31.57 12.72 21.15
C GLU C 129 -30.29 12.51 21.93
N GLN C 130 -29.22 13.22 21.55
CA GLN C 130 -27.98 13.12 22.32
C GLN C 130 -28.15 13.75 23.70
N LEU C 131 -28.85 14.88 23.78
CA LEU C 131 -29.04 15.54 25.06
C LEU C 131 -29.70 14.62 26.07
N LYS C 132 -30.59 13.74 25.62
CA LYS C 132 -31.20 12.77 26.52
C LYS C 132 -30.13 12.00 27.29
N SER C 133 -29.16 11.44 26.56
CA SER C 133 -28.08 10.64 27.12
C SER C 133 -27.11 11.43 27.98
N GLY C 134 -27.35 12.70 28.26
CA GLY C 134 -26.54 13.47 29.17
C GLY C 134 -25.33 14.14 28.59
N THR C 135 -25.17 14.14 27.26
CA THR C 135 -24.03 14.76 26.61
C THR C 135 -24.50 15.66 25.48
N ALA C 136 -23.67 16.67 25.16
CA ALA C 136 -23.98 17.64 24.13
C ALA C 136 -22.71 17.91 23.33
N SER C 137 -22.74 17.61 22.04
CA SER C 137 -21.62 17.84 21.14
C SER C 137 -22.03 18.87 20.10
N VAL C 138 -21.23 19.93 19.98
CA VAL C 138 -21.44 20.99 19.00
C VAL C 138 -20.36 20.88 17.94
N VAL C 139 -20.75 20.89 16.67
CA VAL C 139 -19.83 20.63 15.57
C VAL C 139 -19.70 21.88 14.70
N CYS C 140 -18.46 22.20 14.34
CA CYS C 140 -18.15 23.31 13.45
C CYS C 140 -17.41 22.74 12.25
N LEU C 141 -17.95 22.96 11.05
CA LEU C 141 -17.44 22.36 9.82
C LEU C 141 -16.87 23.44 8.91
N LEU C 142 -15.64 23.22 8.46
CA LEU C 142 -15.00 24.01 7.41
C LEU C 142 -14.89 23.15 6.17
N ASN C 143 -15.58 23.55 5.10
CA ASN C 143 -15.76 22.71 3.93
C ASN C 143 -15.00 23.30 2.73
N ASN C 144 -14.21 22.46 2.07
CA ASN C 144 -13.57 22.78 0.79
C ASN C 144 -12.82 24.11 0.86
N PHE C 145 -11.67 24.05 1.53
CA PHE C 145 -10.79 25.20 1.68
C PHE C 145 -9.35 24.80 1.36
N TYR C 146 -8.53 25.80 1.05
CA TYR C 146 -7.11 25.59 0.81
C TYR C 146 -6.41 26.92 0.99
N PRO C 147 -5.21 26.96 1.60
CA PRO C 147 -4.49 25.78 2.10
C PRO C 147 -5.12 25.19 3.37
N ARG C 148 -4.49 24.14 3.91
CA ARG C 148 -5.10 23.40 5.00
C ARG C 148 -5.03 24.12 6.34
N GLU C 149 -4.04 25.00 6.52
CA GLU C 149 -3.89 25.70 7.79
C GLU C 149 -5.12 26.54 8.10
N ALA C 150 -5.65 26.40 9.31
CA ALA C 150 -6.82 27.14 9.76
C ALA C 150 -6.94 26.97 11.26
N LYS C 151 -7.34 28.04 11.95
CA LYS C 151 -7.52 28.00 13.39
C LYS C 151 -9.00 28.15 13.72
N VAL C 152 -9.53 27.22 14.52
CA VAL C 152 -10.91 27.25 14.97
C VAL C 152 -10.89 27.42 16.49
N GLN C 153 -11.55 28.47 16.97
CA GLN C 153 -11.67 28.72 18.40
C GLN C 153 -13.14 28.67 18.81
N TRP C 154 -13.41 28.01 19.93
CA TRP C 154 -14.76 27.92 20.45
C TRP C 154 -14.98 28.98 21.52
N LYS C 155 -16.18 29.57 21.51
CA LYS C 155 -16.56 30.59 22.47
C LYS C 155 -17.96 30.28 22.96
N VAL C 156 -18.12 30.14 24.28
CA VAL C 156 -19.40 29.88 24.92
C VAL C 156 -19.74 31.09 25.78
N ASP C 157 -20.83 31.77 25.43
CA ASP C 157 -21.18 33.04 26.07
C ASP C 157 -20.01 34.00 26.06
N ASN C 158 -19.31 34.04 24.92
CA ASN C 158 -18.16 34.90 24.67
C ASN C 158 -16.95 34.51 25.51
N ALA C 159 -16.97 33.34 26.15
CA ALA C 159 -15.85 32.85 26.93
C ALA C 159 -15.07 31.85 26.08
N LEU C 160 -13.78 32.14 25.86
CA LEU C 160 -12.97 31.29 25.00
C LEU C 160 -12.75 29.93 25.65
N GLN C 161 -12.95 28.86 24.87
CA GLN C 161 -12.84 27.50 25.35
C GLN C 161 -11.46 26.91 25.03
N SER C 162 -11.04 25.97 25.88
CA SER C 162 -9.76 25.29 25.68
C SER C 162 -9.83 23.94 26.37
N GLY C 163 -9.32 22.91 25.70
CA GLY C 163 -9.25 21.57 26.24
C GLY C 163 -10.50 20.73 26.08
N ASN C 164 -11.58 21.29 25.54
CA ASN C 164 -12.84 20.57 25.40
C ASN C 164 -13.27 20.44 23.94
N SER C 165 -12.34 20.60 22.99
CA SER C 165 -12.65 20.48 21.58
C SER C 165 -11.56 19.66 20.90
N GLN C 166 -11.93 19.00 19.81
CA GLN C 166 -10.98 18.20 19.03
C GLN C 166 -11.25 18.41 17.55
N GLU C 167 -10.19 18.44 16.76
CA GLU C 167 -10.29 18.68 15.33
C GLU C 167 -9.85 17.45 14.54
N SER C 168 -10.47 17.27 13.39
CA SER C 168 -10.09 16.22 12.45
C SER C 168 -10.15 16.81 11.04
N VAL C 169 -9.13 16.53 10.24
CA VAL C 169 -9.02 17.11 8.90
C VAL C 169 -8.90 15.99 7.88
N THR C 170 -9.62 16.12 6.78
CA THR C 170 -9.55 15.13 5.71
C THR C 170 -8.26 15.28 4.93
N GLU C 171 -7.87 14.19 4.26
CA GLU C 171 -6.81 14.27 3.28
C GLU C 171 -7.28 15.12 2.10
N GLN C 172 -6.31 15.70 1.39
CA GLN C 172 -6.65 16.56 0.27
C GLN C 172 -7.48 15.79 -0.76
N ASP C 173 -8.62 16.37 -1.14
CA ASP C 173 -9.50 15.75 -2.12
C ASP C 173 -8.75 15.56 -3.44
N SER C 174 -8.49 14.31 -3.81
CA SER C 174 -7.65 14.00 -4.96
C SER C 174 -8.33 14.41 -6.27
N LYS C 175 -9.43 15.16 -6.17
CA LYS C 175 -10.13 15.63 -7.36
C LYS C 175 -10.24 17.14 -7.43
N ASP C 176 -10.67 17.79 -6.35
CA ASP C 176 -10.73 19.25 -6.32
C ASP C 176 -9.62 19.86 -5.47
N SER C 177 -8.79 19.04 -4.83
CA SER C 177 -7.59 19.48 -4.13
C SER C 177 -7.91 20.33 -2.89
N THR C 178 -9.11 20.24 -2.35
CA THR C 178 -9.47 20.99 -1.16
C THR C 178 -9.45 20.08 0.07
N TYR C 179 -9.52 20.71 1.24
CA TYR C 179 -9.63 20.02 2.50
C TYR C 179 -10.98 20.30 3.15
N SER C 180 -11.34 19.42 4.08
CA SER C 180 -12.46 19.64 4.98
C SER C 180 -12.01 19.33 6.40
N LEU C 181 -12.54 20.09 7.36
CA LEU C 181 -12.12 19.98 8.74
C LEU C 181 -13.32 20.10 9.66
N SER C 182 -13.31 19.34 10.74
CA SER C 182 -14.36 19.36 11.75
C SER C 182 -13.74 19.68 13.11
N SER C 183 -14.41 20.53 13.87
CA SER C 183 -14.04 20.84 15.24
C SER C 183 -15.24 20.54 16.13
N THR C 184 -15.04 19.67 17.12
CA THR C 184 -16.13 19.20 17.97
C THR C 184 -15.87 19.66 19.40
N LEU C 185 -16.83 20.39 19.96
CA LEU C 185 -16.82 20.81 21.35
C LEU C 185 -17.78 19.90 22.12
N THR C 186 -17.27 19.22 23.14
CA THR C 186 -18.05 18.25 23.90
C THR C 186 -18.26 18.77 25.31
N LEU C 187 -19.51 18.87 25.71
CA LEU C 187 -19.89 19.33 27.05
C LEU C 187 -20.91 18.37 27.64
N SER C 188 -21.04 18.40 28.96
CA SER C 188 -22.09 17.65 29.62
C SER C 188 -23.43 18.35 29.42
N LYS C 189 -24.51 17.61 29.63
CA LYS C 189 -25.85 18.17 29.47
C LYS C 189 -26.06 19.37 30.38
N ALA C 190 -25.68 19.23 31.65
CA ALA C 190 -25.84 20.34 32.59
C ALA C 190 -25.03 21.55 32.14
N ASP C 191 -23.75 21.35 31.84
CA ASP C 191 -22.92 22.46 31.38
C ASP C 191 -23.52 23.11 30.13
N TYR C 192 -23.98 22.30 29.18
CA TYR C 192 -24.58 22.87 27.97
C TYR C 192 -25.80 23.71 28.31
N GLU C 193 -26.63 23.25 29.24
CA GLU C 193 -27.82 23.98 29.63
C GLU C 193 -27.52 25.14 30.57
N LYS C 194 -26.26 25.30 31.01
CA LYS C 194 -25.89 26.46 31.83
C LYS C 194 -25.65 27.72 31.00
N HIS C 195 -25.44 27.59 29.69
CA HIS C 195 -25.06 28.71 28.85
C HIS C 195 -26.03 28.84 27.67
N LYS C 196 -25.97 29.99 27.00
CA LYS C 196 -26.95 30.37 26.00
C LYS C 196 -26.34 30.54 24.62
N VAL C 197 -25.30 31.34 24.47
CA VAL C 197 -24.72 31.67 23.17
C VAL C 197 -23.53 30.77 22.90
N TYR C 198 -23.54 30.10 21.74
CA TYR C 198 -22.46 29.21 21.34
C TYR C 198 -21.95 29.65 19.97
N ALA C 199 -20.63 29.75 19.82
CA ALA C 199 -20.05 30.25 18.58
C ALA C 199 -18.72 29.57 18.31
N CYS C 200 -18.45 29.30 17.03
CA CYS C 200 -17.11 28.93 16.58
C CYS C 200 -16.58 30.03 15.66
N GLU C 201 -15.31 30.36 15.86
CA GLU C 201 -14.63 31.47 15.18
C GLU C 201 -13.50 30.88 14.36
N VAL C 202 -13.52 31.15 13.06
CA VAL C 202 -12.63 30.54 12.09
C VAL C 202 -11.68 31.60 11.53
N THR C 203 -10.39 31.31 11.57
CA THR C 203 -9.34 32.13 10.96
C THR C 203 -8.67 31.31 9.87
N HIS C 204 -8.66 31.85 8.65
CA HIS C 204 -8.05 31.16 7.51
C HIS C 204 -7.44 32.20 6.57
N GLN C 205 -6.45 31.75 5.81
CA GLN C 205 -5.72 32.66 4.93
C GLN C 205 -6.63 33.25 3.87
N GLY C 206 -7.61 32.47 3.40
CA GLY C 206 -8.50 32.93 2.35
C GLY C 206 -9.52 33.95 2.79
N LEU C 207 -9.69 34.16 4.09
CA LEU C 207 -10.67 35.08 4.62
C LEU C 207 -10.01 36.40 4.99
N SER C 208 -10.69 37.50 4.67
CA SER C 208 -10.16 38.82 5.00
C SER C 208 -10.17 39.09 6.50
N SER C 209 -10.93 38.32 7.26
CA SER C 209 -10.95 38.41 8.72
C SER C 209 -11.72 37.21 9.26
N PRO C 210 -11.56 36.90 10.54
CA PRO C 210 -12.20 35.70 11.10
C PRO C 210 -13.72 35.75 10.95
N VAL C 211 -14.30 34.59 10.73
CA VAL C 211 -15.75 34.44 10.55
C VAL C 211 -16.31 33.71 11.76
N THR C 212 -17.38 34.25 12.34
CA THR C 212 -17.98 33.68 13.53
C THR C 212 -19.37 33.15 13.20
N LYS C 213 -19.61 31.88 13.54
CA LYS C 213 -20.94 31.30 13.49
C LYS C 213 -21.41 31.03 14.92
N SER C 214 -22.72 31.14 15.15
CA SER C 214 -23.23 31.04 16.51
C SER C 214 -24.72 30.68 16.48
N PHE C 215 -25.23 30.37 17.66
CA PHE C 215 -26.65 30.12 17.87
C PHE C 215 -26.95 30.27 19.35
N ASN C 216 -28.24 30.38 19.66
CA ASN C 216 -28.72 30.49 21.02
C ASN C 216 -29.46 29.22 21.40
N ARG C 217 -29.13 28.68 22.56
CA ARG C 217 -29.74 27.45 23.05
C ARG C 217 -31.17 27.69 23.49
C1 NAG D . 25.95 -17.56 -7.26
C2 NAG D . 26.63 -17.31 -5.96
C3 NAG D . 25.99 -18.19 -4.92
C4 NAG D . 24.48 -17.89 -4.89
C5 NAG D . 23.87 -17.95 -6.29
C6 NAG D . 22.43 -17.48 -6.35
C7 NAG D . 28.99 -16.69 -6.37
C8 NAG D . 30.40 -17.18 -6.51
N2 NAG D . 28.06 -17.63 -6.09
O3 NAG D . 26.58 -17.98 -3.65
O4 NAG D . 23.85 -18.83 -4.04
O5 NAG D . 24.62 -17.11 -7.18
O6 NAG D . 21.66 -18.30 -7.21
O7 NAG D . 28.69 -15.52 -6.49
H2 NAG D . 26.53 -16.38 -5.71
H3 NAG D . 26.10 -19.12 -5.18
H4 NAG D . 24.35 -16.99 -4.52
H5 NAG D . 23.92 -18.87 -6.61
H61 NAG D . 22.40 -16.56 -6.67
H62 NAG D . 22.05 -17.52 -5.45
H81 NAG D . 30.98 -16.43 -6.71
H82 NAG D . 30.44 -17.84 -7.24
H83 NAG D . 30.68 -17.61 -5.69
HN2 NAG D . 28.31 -18.50 -6.03
HO3 NAG D . 25.96 -17.90 -3.03
HO6 NAG D . 20.80 -18.22 -7.01
C1 NAG D . 22.88 -18.17 -3.19
C2 NAG D . 22.47 -19.14 -2.10
C3 NAG D . 21.39 -18.49 -1.24
C4 NAG D . 21.92 -17.18 -0.66
C5 NAG D . 22.51 -16.28 -1.75
C6 NAG D . 23.27 -15.10 -1.16
C7 NAG D . 21.07 -20.72 -3.44
C8 NAG D . 20.25 -19.57 -3.95
N2 NAG D . 22.07 -20.45 -2.59
O3 NAG D . 21.01 -19.39 -0.20
O4 NAG D . 20.84 -16.47 -0.06
O5 NAG D . 23.42 -16.99 -2.59
O6 NAG D . 24.39 -15.56 -0.40
O7 NAG D . 20.82 -21.88 -3.79
H2 NAG D . 23.25 -19.27 -1.52
H3 NAG D . 20.61 -18.30 -1.80
H4 NAG D . 22.60 -17.37 0.01
H5 NAG D . 21.78 -15.93 -2.29
H61 NAG D . 22.68 -14.59 -0.59
H62 NAG D . 23.59 -14.53 -1.89
H81 NAG D . 19.56 -19.90 -4.56
H82 NAG D . 20.84 -18.95 -4.43
H83 NAG D . 19.84 -19.11 -3.21
HN2 NAG D . 22.55 -21.17 -2.29
HO3 NAG D . 21.00 -18.96 0.58
HO6 NAG D . 24.10 -15.94 0.34
C1 BMA D . 20.89 -16.61 1.37
C2 BMA D . 20.87 -15.20 1.98
C3 BMA D . 20.69 -15.29 3.50
C4 BMA D . 19.52 -16.22 3.88
C5 BMA D . 19.74 -17.58 3.22
C6 BMA D . 18.64 -18.57 3.51
O2 BMA D . 19.79 -14.45 1.47
O3 BMA D . 20.49 -14.01 4.07
O4 BMA D . 19.45 -16.38 5.28
O5 BMA D . 19.79 -17.39 1.81
O6 BMA D . 18.92 -19.68 2.70
H2 BMA D . 21.83 -14.70 1.75
H3 BMA D . 21.60 -15.69 3.96
H4 BMA D . 18.59 -15.80 3.46
H5 BMA D . 20.70 -18.00 3.59
H61 BMA D . 17.68 -18.10 3.27
H62 BMA D . 18.67 -18.81 4.58
HO2 BMA D . 19.21 -14.26 2.21
HO4 BMA D . 18.99 -15.59 5.60
C1 MAN D . 17.89 -20.67 2.81
C2 MAN D . 18.63 -21.98 2.94
C3 MAN D . 19.48 -22.16 1.68
C4 MAN D . 18.59 -22.10 0.44
C5 MAN D . 17.83 -20.77 0.43
C6 MAN D . 16.84 -20.66 -0.71
O2 MAN D . 17.74 -23.11 2.98
O3 MAN D . 20.23 -23.36 1.71
O4 MAN D . 19.38 -22.21 -0.74
O5 MAN D . 17.08 -20.65 1.66
O6 MAN D . 15.94 -21.75 -0.59
H2 MAN D . 19.27 -21.94 3.84
H3 MAN D . 20.21 -21.33 1.63
H4 MAN D . 17.85 -22.93 0.50
H5 MAN D . 18.55 -19.95 0.34
H61 MAN D . 17.40 -20.69 -1.66
H62 MAN D . 16.34 -19.69 -0.63
HO2 MAN D . 16.94 -22.89 2.47
HO4 MAN D . 20.00 -21.47 -0.70
C1 MAN D . 21.25 -23.25 2.71
C2 MAN D . 22.58 -23.55 2.02
C3 MAN D . 22.51 -24.94 1.42
C4 MAN D . 22.03 -26.00 2.45
C5 MAN D . 20.79 -25.51 3.25
C6 MAN D . 20.49 -26.36 4.47
O2 MAN D . 23.65 -23.58 2.97
O3 MAN D . 23.76 -25.34 0.88
O4 MAN D . 21.69 -27.19 1.75
O5 MAN D . 21.01 -24.17 3.72
O6 MAN D . 19.10 -26.24 4.76
H2 MAN D . 22.76 -22.80 1.24
H3 MAN D . 21.80 -24.93 0.59
H4 MAN D . 22.84 -26.19 3.17
H5 MAN D . 19.91 -25.53 2.59
H61 MAN D . 21.11 -26.00 5.31
H62 MAN D . 20.77 -27.40 4.24
HO2 MAN D . 23.30 -23.67 3.85
HO3 MAN D . 24.43 -25.06 1.53
HO4 MAN D . 21.52 -27.85 2.44
HO6 MAN D . 19.02 -25.85 5.64
C1 MAN D . 15.93 -22.48 -1.84
C2 MAN D . 14.46 -22.64 -2.22
C3 MAN D . 13.78 -23.52 -1.17
C4 MAN D . 14.53 -24.87 -1.05
C5 MAN D . 15.99 -24.61 -0.69
C6 MAN D . 16.83 -25.88 -0.67
O2 MAN D . 14.33 -23.35 -3.46
O3 MAN D . 12.41 -23.73 -1.46
O4 MAN D . 13.93 -25.65 -0.03
O5 MAN D . 16.58 -23.72 -1.68
O6 MAN D . 17.85 -25.72 0.32
H2 MAN D . 13.98 -21.66 -2.26
H3 MAN D . 13.83 -23.02 -0.20
H4 MAN D . 14.49 -25.37 -2.03
H5 MAN D . 16.05 -24.14 0.30
H61 MAN D . 17.27 -26.03 -1.67
H62 MAN D . 16.17 -26.72 -0.45
HO2 MAN D . 15.07 -23.95 -3.56
HO3 MAN D . 12.39 -24.38 -2.19
HO4 MAN D . 13.70 -26.50 -0.46
HO6 MAN D . 18.21 -26.60 0.50
C1 MAN D . 21.04 -14.02 5.41
C2 MAN D . 20.15 -13.10 6.25
C3 MAN D . 20.27 -11.67 5.75
C4 MAN D . 21.75 -11.23 5.67
C5 MAN D . 22.57 -12.25 4.85
C6 MAN D . 24.05 -11.98 4.89
O2 MAN D . 20.57 -13.07 7.62
O3 MAN D . 19.53 -10.75 6.55
O4 MAN D . 21.83 -9.95 5.05
O5 MAN D . 22.38 -13.57 5.39
O6 MAN D . 24.25 -10.60 5.18
H2 MAN D . 19.10 -13.43 6.17
H3 MAN D . 19.84 -11.61 4.74
H4 MAN D . 22.15 -11.20 6.69
H5 MAN D . 22.23 -12.22 3.81
H61 MAN D . 24.49 -12.25 3.91
H62 MAN D . 24.50 -12.63 5.65
HO2 MAN D . 19.84 -12.76 8.17
HO3 MAN D . 19.84 -9.87 6.29
HO4 MAN D . 22.75 -9.68 5.15
HO6 MAN D . 25.19 -10.46 5.34
C1 NAG E . 12.83 -19.31 -15.33
C2 NAG E . 13.33 -18.17 -16.20
C3 NAG E . 12.94 -16.83 -15.57
C4 NAG E . 11.44 -16.78 -15.33
C5 NAG E . 10.97 -18.00 -14.54
C6 NAG E . 9.46 -18.10 -14.46
C7 NAG E . 15.35 -18.15 -17.58
C8 NAG E . 16.84 -18.25 -17.61
N2 NAG E . 14.77 -18.23 -16.38
O3 NAG E . 13.33 -15.77 -16.43
O4 NAG E . 11.11 -15.61 -14.59
O5 NAG E . 11.41 -19.21 -15.18
O6 NAG E . 8.86 -17.92 -15.73
O7 NAG E . 14.69 -18.02 -18.61
H2 NAG E . 12.90 -18.22 -17.07
H3 NAG E . 13.40 -16.74 -14.71
H4 NAG E . 10.98 -16.76 -16.20
H5 NAG E . 11.34 -17.96 -13.64
H61 NAG E . 9.13 -17.42 -13.84
H62 NAG E . 9.23 -18.99 -14.11
H81 NAG E . 17.16 -18.17 -18.52
H82 NAG E . 17.12 -19.10 -17.22
H83 NAG E . 17.22 -17.52 -17.08
HN2 NAG E . 15.30 -18.33 -15.65
HO3 NAG E . 13.18 -14.99 -16.03
HO6 NAG E . 8.38 -18.65 -15.94
C1 NAG E . 10.79 -14.54 -15.49
C2 NAG E . 9.81 -13.61 -14.78
C3 NAG E . 9.47 -12.42 -15.67
C4 NAG E . 10.75 -11.71 -16.07
C5 NAG E . 11.71 -12.68 -16.75
C6 NAG E . 13.05 -12.06 -17.07
C7 NAG E . 8.48 -14.99 -13.25
C8 NAG E . 7.17 -15.67 -13.01
N2 NAG E . 8.60 -14.32 -14.40
O3 NAG E . 8.62 -11.53 -14.96
O4 NAG E . 10.47 -10.63 -16.96
O5 NAG E . 11.97 -13.79 -15.87
O6 NAG E . 14.09 -13.04 -17.05
O7 NAG E . 9.40 -15.04 -12.43
H2 NAG E . 10.23 -13.27 -13.97
H3 NAG E . 9.02 -12.73 -16.47
H4 NAG E . 11.18 -11.34 -15.27
H5 NAG E . 11.30 -13.01 -17.56
H61 NAG E . 13.25 -11.38 -16.40
H62 NAG E . 13.01 -11.66 -17.95
H81 NAG E . 7.19 -16.12 -12.15
H82 NAG E . 7.01 -16.33 -13.72
H83 NAG E . 6.46 -15.01 -13.01
HN2 NAG E . 7.89 -14.31 -14.97
HO3 NAG E . 8.50 -10.79 -15.44
HO6 NAG E . 14.13 -13.42 -16.25
C1 BMA E . 10.49 -9.43 -16.17
C2 BMA E . 10.71 -8.22 -17.09
C3 BMA E . 10.63 -6.94 -16.27
C4 BMA E . 9.34 -6.88 -15.46
C5 BMA E . 9.22 -8.14 -14.59
C6 BMA E . 7.93 -8.21 -13.81
O2 BMA E . 9.68 -8.15 -18.07
O3 BMA E . 10.72 -5.79 -17.10
O4 BMA E . 9.33 -5.74 -14.62
O5 BMA E . 9.26 -9.29 -15.46
O6 BMA E . 8.08 -9.21 -12.82
H2 BMA E . 11.70 -8.32 -17.57
H3 BMA E . 11.48 -6.89 -15.58
H4 BMA E . 8.49 -6.88 -16.15
H5 BMA E . 10.06 -8.19 -13.88
H61 BMA E . 7.11 -8.44 -14.50
H62 BMA E . 7.75 -7.22 -13.38
HO2 BMA E . 9.36 -7.23 -18.06
HO4 BMA E . 9.77 -5.04 -15.14
C1 MAN E . 7.05 -9.01 -11.84
C2 MAN E . 7.28 -10.06 -10.72
C3 MAN E . 6.95 -11.45 -11.25
C4 MAN E . 5.54 -11.46 -11.86
C5 MAN E . 5.48 -10.45 -12.99
C6 MAN E . 4.13 -10.34 -13.67
O2 MAN E . 6.41 -9.84 -9.61
O3 MAN E . 7.07 -12.43 -10.24
O4 MAN E . 5.24 -12.76 -12.36
O5 MAN E . 5.77 -9.14 -12.44
O6 MAN E . 3.36 -11.48 -13.31
H2 MAN E . 8.33 -10.02 -10.42
H3 MAN E . 7.65 -11.72 -12.03
H4 MAN E . 4.81 -11.17 -11.08
H5 MAN E . 6.23 -10.70 -13.75
H61 MAN E . 4.29 -10.29 -14.76
H62 MAN E . 3.66 -9.41 -13.34
HO2 MAN E . 6.02 -8.96 -9.69
C1 MAN E . 8.47 -12.72 -10.03
C2 MAN E . 8.58 -14.15 -9.54
C3 MAN E . 7.81 -14.28 -8.25
C4 MAN E . 8.34 -13.26 -7.20
C5 MAN E . 8.41 -11.83 -7.79
C6 MAN E . 9.23 -10.88 -6.93
O2 MAN E . 9.94 -14.48 -9.23
O3 MAN E . 7.86 -15.60 -7.75
O4 MAN E . 7.48 -13.26 -6.08
O5 MAN E . 9.03 -11.83 -9.09
O6 MAN E . 10.61 -11.24 -7.07
H2 MAN E . 8.18 -14.83 -10.31
H3 MAN E . 6.76 -14.06 -8.44
H4 MAN E . 9.36 -13.56 -6.91
H5 MAN E . 7.39 -11.42 -7.87
H61 MAN E . 8.89 -10.96 -5.89
H62 MAN E . 9.04 -9.86 -7.28
HO2 MAN E . 10.37 -13.71 -8.83
HO3 MAN E . 8.01 -15.52 -6.79
HO4 MAN E . 8.06 -13.18 -5.31
HO6 MAN E . 10.64 -12.02 -7.64
C1 MAN E . 2.01 -11.04 -13.02
C2 MAN E . 1.43 -12.00 -11.93
C3 MAN E . 1.10 -13.35 -12.54
C4 MAN E . 0.24 -13.18 -13.79
C5 MAN E . 1.00 -12.33 -14.81
C6 MAN E . 0.25 -12.11 -16.11
O2 MAN E . 0.20 -11.49 -11.42
O3 MAN E . 0.46 -14.20 -11.60
O4 MAN E . -0.05 -14.45 -14.37
O5 MAN E . 1.23 -11.03 -14.21
O6 MAN E . -1.15 -12.29 -15.86
H2 MAN E . 2.17 -12.11 -11.14
H3 MAN E . 2.04 -13.84 -12.83
H4 MAN E . -0.68 -12.65 -13.51
H5 MAN E . 1.96 -12.80 -15.04
H61 MAN E . 0.62 -12.84 -16.85
H62 MAN E . 0.48 -11.10 -16.47
HO2 MAN E . -0.42 -12.21 -11.34
HO3 MAN E . -0.30 -14.58 -12.07
HO4 MAN E . 0.51 -15.08 -13.89
HO6 MAN E . -1.62 -11.81 -16.55
C1 MAN E . 12.09 -5.35 -17.15
C2 MAN E . 12.06 -3.93 -17.74
C3 MAN E . 11.51 -4.02 -19.16
C4 MAN E . 12.39 -4.97 -19.99
C5 MAN E . 12.45 -6.35 -19.33
C6 MAN E . 13.42 -7.30 -20.01
O2 MAN E . 13.37 -3.38 -17.84
O3 MAN E . 11.43 -2.75 -19.78
O4 MAN E . 11.85 -5.09 -21.30
O5 MAN E . 12.88 -6.22 -17.95
O6 MAN E . 13.82 -8.29 -19.07
H2 MAN E . 11.40 -3.30 -17.12
H3 MAN E . 10.50 -4.43 -19.13
H4 MAN E . 13.42 -4.56 -20.03
H5 MAN E . 11.44 -6.81 -19.36
H61 MAN E . 14.28 -6.72 -20.39
H62 MAN E . 12.90 -7.75 -20.87
HO2 MAN E . 13.31 -2.52 -18.30
HO3 MAN E . 10.70 -2.82 -20.42
HO4 MAN E . 12.41 -5.75 -21.75
HO6 MAN E . 14.03 -7.84 -18.25
C1 NAG F . 6.18 -44.69 -20.58
C2 NAG F . 6.77 -43.82 -19.46
C3 NAG F . 7.05 -44.68 -18.23
C4 NAG F . 5.77 -45.39 -17.83
C5 NAG F . 5.17 -46.18 -18.99
C6 NAG F . 3.82 -46.76 -18.66
C7 NAG F . 8.91 -42.63 -19.11
C8 NAG F . 10.04 -41.91 -19.79
N2 NAG F . 7.95 -43.12 -19.92
O3 NAG F . 7.50 -43.88 -17.14
O4 NAG F . 5.98 -46.25 -16.72
O5 NAG F . 5.00 -45.33 -20.12
O6 NAG F . 3.10 -47.05 -19.85
O7 NAG F . 8.89 -42.79 -17.90
H2 NAG F . 6.09 -43.16 -19.22
H3 NAG F . 7.73 -45.34 -18.45
H4 NAG F . 5.11 -44.72 -17.56
H5 NAG F . 5.79 -46.91 -19.22
H61 NAG F . 3.31 -46.11 -18.14
H62 NAG F . 3.92 -47.58 -18.15
H81 NAG F . 9.68 -41.15 -20.29
H82 NAG F . 10.48 -42.52 -20.41
H83 NAG F . 10.68 -41.61 -19.13
HN2 NAG F . 8.04 -42.96 -20.82
HO3 NAG F . 7.08 -44.13 -16.39
HO6 NAG F . 3.18 -47.92 -20.05
C1 NAG F . 5.06 -45.60 -15.81
C2 NAG F . 4.46 -46.55 -14.78
C3 NAG F . 3.52 -45.77 -13.86
C4 NAG F . 4.21 -44.53 -13.31
C5 NAG F . 4.90 -43.71 -14.40
C6 NAG F . 5.75 -42.59 -13.86
C7 NAG F . 4.03 -48.93 -15.17
C8 NAG F . 3.21 -49.94 -15.93
N2 NAG F . 3.75 -47.65 -15.41
O3 NAG F . 3.09 -46.61 -12.79
O4 NAG F . 3.26 -43.70 -12.66
O5 NAG F . 5.78 -44.56 -15.16
O6 NAG F . 6.90 -43.07 -13.19
O7 NAG F . 4.90 -49.28 -14.39
H2 NAG F . 5.19 -46.91 -14.24
H3 NAG F . 2.74 -45.49 -14.38
H4 NAG F . 4.89 -44.81 -12.65
H5 NAG F . 4.21 -43.35 -15.00
H61 NAG F . 5.21 -42.06 -13.25
H62 NAG F . 6.02 -42.02 -14.61
H81 NAG F . 3.48 -50.85 -15.68
H82 NAG F . 3.33 -49.81 -16.88
H83 NAG F . 2.26 -49.82 -15.71
HN2 NAG F . 3.09 -47.46 -16.01
HO3 NAG F . 2.41 -47.11 -13.07
HO6 NAG F . 7.39 -43.55 -13.76
C1 BMA F . 3.71 -43.55 -11.31
C2 BMA F . 3.29 -42.15 -10.83
C3 BMA F . 3.61 -42.02 -9.34
C4 BMA F . 3.04 -43.22 -8.55
C5 BMA F . 3.55 -44.53 -9.17
C6 BMA F . 3.01 -45.78 -8.49
O2 BMA F . 1.89 -41.95 -10.99
O3 BMA F . 3.10 -40.78 -8.82
O4 BMA F . 3.45 -43.15 -7.20
O5 BMA F . 3.12 -44.56 -10.52
O6 BMA F . 3.32 -46.88 -9.34
H2 BMA F . 3.86 -41.40 -11.39
H3 BMA F . 4.68 -42.00 -9.19
H4 BMA F . 1.94 -43.21 -8.63
H5 BMA F . 4.65 -44.55 -9.12
H61 BMA F . 1.92 -45.66 -8.36
H62 BMA F . 3.48 -45.85 -7.51
HO2 BMA F . 1.57 -41.63 -10.14
HO4 BMA F . 3.16 -42.28 -6.89
C1 MAN F . 4.11 -40.11 -8.03
C2 MAN F . 3.50 -38.77 -7.57
C3 MAN F . 3.44 -37.79 -8.74
C4 MAN F . 4.81 -37.67 -9.42
C5 MAN F . 5.24 -39.05 -9.90
C6 MAN F . 6.60 -39.05 -10.57
O2 MAN F . 4.30 -38.13 -6.58
O3 MAN F . 2.97 -36.50 -8.35
O4 MAN F . 4.74 -36.78 -10.52
O5 MAN F . 5.33 -39.93 -8.76
O6 MAN F . 6.64 -37.96 -11.50
H2 MAN F . 2.48 -38.96 -7.19
H3 MAN F . 2.72 -38.17 -9.49
H4 MAN F . 5.53 -37.32 -8.67
H5 MAN F . 4.50 -39.43 -10.62
H61 MAN F . 6.74 -40.02 -11.08
H62 MAN F . 7.36 -38.94 -9.79
HO2 MAN F . 4.41 -37.21 -6.81
HO3 MAN F . 3.52 -35.87 -8.82
HO4 MAN F . 5.67 -36.63 -10.79
HO6 MAN F . 7.51 -37.97 -11.92
C1 MAN F . 2.78 -48.10 -8.79
C2 MAN F . 3.69 -49.26 -9.30
C3 MAN F . 3.45 -49.50 -10.79
C4 MAN F . 1.95 -49.69 -11.06
C5 MAN F . 1.19 -48.44 -10.58
C6 MAN F . -0.31 -48.54 -10.80
O2 MAN F . 3.37 -50.49 -8.64
O3 MAN F . 4.19 -50.63 -11.27
O4 MAN F . 1.74 -49.87 -12.45
O5 MAN F . 1.43 -48.28 -9.17
O6 MAN F . -0.77 -49.71 -10.14
H2 MAN F . 4.75 -48.98 -9.13
H3 MAN F . 3.80 -48.63 -11.35
H4 MAN F . 1.59 -50.55 -10.49
H5 MAN F . 1.56 -47.57 -11.14
H61 MAN F . -0.50 -48.58 -11.89
H62 MAN F . -0.76 -47.62 -10.40
HO2 MAN F . 3.33 -51.19 -9.29
HO3 MAN F . 4.16 -50.56 -12.23
HO4 MAN F . 0.82 -50.18 -12.53
HO6 MAN F . -0.23 -49.85 -9.36
C1 NAG G . 31.94 -7.54 -13.35
C2 NAG G . 31.65 -6.05 -13.50
C3 NAG G . 32.15 -5.56 -14.84
C4 NAG G . 33.61 -5.94 -15.05
C5 NAG G . 33.84 -7.42 -14.75
C6 NAG G . 35.31 -7.81 -14.74
C7 NAG G . 29.73 -5.05 -12.35
C8 NAG G . 28.25 -4.87 -12.36
N2 NAG G . 30.24 -5.78 -13.34
O3 NAG G . 32.01 -4.14 -14.92
O4 NAG G . 33.98 -5.68 -16.40
O5 NAG G . 33.34 -7.75 -13.45
O6 NAG G . 35.51 -9.06 -14.11
O7 NAG G . 30.44 -4.55 -11.49
H2 NAG G . 32.14 -5.58 -12.80
H3 NAG G . 31.62 -5.97 -15.55
H4 NAG G . 34.17 -5.40 -14.46
H5 NAG G . 33.38 -7.96 -15.41
H61 NAG G . 35.82 -7.12 -14.27
H62 NAG G . 35.62 -7.86 -15.66
H81 NAG G . 27.81 -5.74 -12.30
H82 NAG G . 27.98 -4.42 -13.19
H83 NAG G . 27.98 -4.31 -11.59
HN2 NAG G . 29.66 -6.13 -13.96
HO3 NAG G . 31.79 -3.91 -15.75
HO4 NAG G . 34.85 -5.48 -16.44
HO6 NAG G . 36.37 -9.18 -13.94
#